data_4W9N
#
_entry.id   4W9N
#
_cell.length_a   68.564
_cell.length_b   75.834
_cell.length_c   83.264
_cell.angle_alpha   65.380
_cell.angle_beta   88.870
_cell.angle_gamma   65.080
#
_symmetry.space_group_name_H-M   'P 1'
#
loop_
_entity.id
_entity.type
_entity.pdbx_description
1 polymer 'Enoyl-[acyl-carrier-protein] reductase'
2 polymer 'Enoyl-[acyl-carrier-protein] reductase'
3 non-polymer IMIDAZOLE
4 non-polymer 'CHLORIDE ION'
5 non-polymer 'SODIUM ION'
6 non-polymer TRICLOSAN
7 water water
#
loop_
_entity_poly.entity_id
_entity_poly.type
_entity_poly.pdbx_seq_one_letter_code
_entity_poly.pdbx_strand_id
1 'polypeptide(L)'
;AHAFVSTLTRGDLSSIRWVCSSLRHAQPTCPGAQLCTVYYASLNFRDIMLATGKLSPDAIPGKWTSQDSLLGMEFSGRDA
SGKRVMGLVPAKGLATSVLLSPDFLWDVPSNWTLEEAASVPVVYSTAYYALVVRGRVRPGETLLIHSGSGGVGQAAIAIA
LSLGCRVFTTVGSAEKRAYLQARFPQLDSTSFANSRDTSFEQHVLWHTGGKGVDLVLNSLAEEKLQASVRCLATHGRFLE
IGKFDLSQNHPLGMAIFLKNVTFHGVLLDAFFNESSADWREVWALVQAGIRDGVVRPLKCTVFHGAQVEDAFRYMAQGKH
IGKVVVQVLAEEPEAVLKG
;
A,B,D
2 'polypeptide(L)'
;AHAFVSTLTRGDLSSIRWV(CCS)SSLRHAQPTCPGAQLCTVYYASLNFRDIMLATGKLSPDAIPGKWTSQDSLLGMEFS
GRDASGKRVMGLVPAKGLATSVLLSPDFLWDVPSNWTLEEAASVPVVYSTAYYALVVRGRVRPGETLLIHSGSGGVGQAA
IAIALSLGCRVFTTVGSAEKRAYLQARFPQLDSTSFANSRDTSFEQHVLWHTGGKGVDLVLNSLAEEKLQASVRCLATHG
RFLEIGKFDLSQNHPLGMAIFLKNVTFHGVLLDAFFNESSADWREVWALVQAGIRDGVVRPLKCTVFHGAQVEDAFRYMA
QGKHIGKVVVQVLAEEPEAVLKG
;
C
#
# COMPACT_ATOMS: atom_id res chain seq x y z
N HIS A 2 11.36 36.68 18.46
CA HIS A 2 11.70 35.70 17.43
C HIS A 2 12.86 36.16 16.57
N ALA A 3 13.75 35.22 16.23
CA ALA A 3 14.90 35.50 15.37
C ALA A 3 15.17 34.34 14.43
N PHE A 4 15.61 34.66 13.21
CA PHE A 4 15.96 33.65 12.23
C PHE A 4 17.21 34.06 11.46
N VAL A 5 17.86 33.08 10.83
CA VAL A 5 19.06 33.35 10.05
C VAL A 5 18.67 33.64 8.61
N SER A 6 19.27 34.70 8.05
CA SER A 6 18.95 35.14 6.70
C SER A 6 20.12 35.87 6.06
N THR A 7 20.31 35.66 4.76
CA THR A 7 21.28 36.43 4.00
C THR A 7 20.71 37.83 3.75
N LEU A 8 21.47 38.85 4.08
CA LEU A 8 21.04 40.24 3.88
C LEU A 8 20.87 40.52 2.39
N THR A 9 21.94 40.27 1.63
CA THR A 9 21.91 40.32 0.18
C THR A 9 21.88 38.90 -0.39
N ARG A 10 20.87 38.60 -1.20
CA ARG A 10 20.69 37.26 -1.74
C ARG A 10 21.90 36.78 -2.53
N GLY A 11 22.48 35.66 -2.11
CA GLY A 11 23.59 35.05 -2.82
C GLY A 11 24.95 35.35 -2.20
N ASP A 12 24.98 36.24 -1.21
CA ASP A 12 26.22 36.59 -0.52
C ASP A 12 26.24 35.96 0.87
N LEU A 13 27.10 34.96 1.03
CA LEU A 13 27.16 34.20 2.28
C LEU A 13 27.82 35.01 3.40
N SER A 14 28.50 36.09 3.05
CA SER A 14 29.12 36.95 4.04
C SER A 14 28.11 37.90 4.67
N SER A 15 26.97 38.07 4.01
N SER A 15 26.97 38.07 4.01
CA SER A 15 25.91 38.95 4.50
CA SER A 15 25.91 38.95 4.50
C SER A 15 24.96 38.21 5.44
C SER A 15 24.96 38.21 5.44
N ILE A 16 25.28 36.95 5.74
CA ILE A 16 24.43 36.14 6.61
C ILE A 16 24.46 36.69 8.03
N ARG A 17 23.30 36.70 8.68
CA ARG A 17 23.19 37.23 10.03
C ARG A 17 21.86 36.83 10.65
N TRP A 18 21.76 37.01 11.97
CA TRP A 18 20.52 36.80 12.68
C TRP A 18 19.66 38.06 12.61
N VAL A 19 18.44 37.90 12.11
CA VAL A 19 17.46 38.99 12.11
C VAL A 19 16.51 38.78 13.28
N CYS A 20 16.43 39.77 14.15
CA CYS A 20 15.66 39.66 15.39
C CYS A 20 14.40 40.52 15.33
N SER A 21 13.51 40.29 16.29
CA SER A 21 12.26 41.06 16.38
C SER A 21 11.65 40.87 17.76
N ARG A 24 6.37 38.48 19.39
CA ARG A 24 6.19 37.15 19.99
C ARG A 24 5.19 36.32 19.18
N HIS A 25 5.66 35.22 18.62
CA HIS A 25 4.80 34.32 17.86
C HIS A 25 3.82 33.61 18.79
N ALA A 26 2.55 33.56 18.38
CA ALA A 26 1.50 32.98 19.22
C ALA A 26 1.48 31.46 19.12
N GLN A 27 1.09 30.81 20.21
CA GLN A 27 0.94 29.37 20.24
C GLN A 27 -0.37 28.97 19.55
N PRO A 28 -0.29 28.06 18.56
CA PRO A 28 -1.56 27.69 17.90
C PRO A 28 -2.43 26.83 18.81
N THR A 29 -3.72 27.12 18.85
CA THR A 29 -4.65 26.31 19.62
C THR A 29 -4.94 25.01 18.87
N CYS A 30 -5.08 25.10 17.56
CA CYS A 30 -5.43 23.94 16.75
C CYS A 30 -4.35 22.87 16.85
N PRO A 31 -4.76 21.59 16.91
CA PRO A 31 -3.79 20.50 17.10
C PRO A 31 -2.87 20.28 15.89
N GLY A 32 -3.22 20.88 14.76
CA GLY A 32 -2.46 20.69 13.53
C GLY A 32 -1.17 21.48 13.45
N ALA A 33 -0.99 22.41 14.38
CA ALA A 33 0.21 23.26 14.40
C ALA A 33 0.75 23.40 15.82
N GLN A 34 2.07 23.56 15.92
CA GLN A 34 2.72 23.54 17.21
C GLN A 34 4.00 24.37 17.21
N LEU A 35 4.18 25.17 18.25
CA LEU A 35 5.36 26.02 18.37
C LEU A 35 6.42 25.37 19.25
N CYS A 36 7.59 25.11 18.68
CA CYS A 36 8.71 24.50 19.39
C CYS A 36 9.88 25.46 19.50
N THR A 37 10.57 25.40 20.64
CA THR A 37 11.80 26.15 20.84
C THR A 37 12.98 25.40 20.24
N VAL A 38 13.72 26.07 19.35
CA VAL A 38 14.88 25.43 18.70
C VAL A 38 16.13 25.59 19.57
N TYR A 39 16.77 24.45 19.84
CA TYR A 39 18.04 24.42 20.57
C TYR A 39 19.20 24.23 19.61
N TYR A 40 19.03 23.29 18.68
CA TYR A 40 20.04 23.01 17.67
C TYR A 40 19.39 22.90 16.29
N ALA A 41 20.00 23.55 15.31
CA ALA A 41 19.54 23.49 13.92
C ALA A 41 20.69 23.01 13.05
N SER A 42 20.48 21.88 12.37
CA SER A 42 21.49 21.31 11.51
C SER A 42 21.52 22.01 10.15
N LEU A 43 22.69 22.00 9.52
CA LEU A 43 22.81 22.50 8.16
C LEU A 43 22.74 21.35 7.16
N ASN A 44 22.05 21.60 6.05
CA ASN A 44 22.03 20.65 4.94
C ASN A 44 22.51 21.33 3.67
N PHE A 45 22.90 20.52 2.69
CA PHE A 45 23.47 21.05 1.46
C PHE A 45 22.57 22.08 0.78
N ARG A 46 21.25 21.88 0.90
CA ARG A 46 20.29 22.81 0.32
C ARG A 46 20.44 24.21 0.94
N ASP A 47 20.74 24.24 2.24
CA ASP A 47 20.93 25.51 2.94
C ASP A 47 22.12 26.25 2.35
N ILE A 48 23.13 25.50 1.93
CA ILE A 48 24.32 26.08 1.30
C ILE A 48 23.98 26.60 -0.10
N MET A 49 23.18 25.83 -0.84
CA MET A 49 22.77 26.21 -2.18
C MET A 49 21.93 27.49 -2.14
N LEU A 50 21.04 27.58 -1.15
CA LEU A 50 20.19 28.76 -0.98
C LEU A 50 21.00 30.00 -0.65
N ALA A 51 21.91 29.87 0.32
CA ALA A 51 22.65 31.03 0.82
C ALA A 51 23.63 31.57 -0.20
N THR A 52 24.25 30.68 -0.96
CA THR A 52 25.20 31.10 -2.00
C THR A 52 24.48 31.56 -3.26
N GLY A 53 23.17 31.38 -3.30
CA GLY A 53 22.36 31.85 -4.41
C GLY A 53 22.31 30.90 -5.59
N LYS A 54 22.96 29.75 -5.47
CA LYS A 54 22.92 28.74 -6.52
C LYS A 54 21.50 28.20 -6.68
N LEU A 55 20.74 28.26 -5.59
CA LEU A 55 19.36 27.79 -5.58
C LEU A 55 18.41 28.92 -5.18
N SER A 56 17.34 29.09 -5.95
CA SER A 56 16.33 30.11 -5.65
C SER A 56 15.32 29.58 -4.64
N PRO A 57 14.87 30.46 -3.72
CA PRO A 57 13.82 30.02 -2.79
C PRO A 57 12.49 29.80 -3.49
N ASP A 58 12.34 30.34 -4.69
CA ASP A 58 11.13 30.12 -5.49
C ASP A 58 11.02 28.66 -5.91
N ALA A 59 12.14 27.94 -5.86
CA ALA A 59 12.16 26.54 -6.27
C ALA A 59 11.64 25.61 -5.18
N ILE A 60 11.67 26.08 -3.94
CA ILE A 60 11.23 25.25 -2.81
C ILE A 60 9.71 25.25 -2.73
N PRO A 61 9.09 24.05 -2.73
CA PRO A 61 7.63 23.99 -2.61
C PRO A 61 7.12 24.55 -1.29
N GLY A 62 5.88 25.01 -1.29
CA GLY A 62 5.25 25.54 -0.10
C GLY A 62 4.68 26.92 -0.35
N LYS A 63 4.12 27.50 0.70
CA LYS A 63 3.58 28.85 0.68
C LYS A 63 4.51 29.81 1.41
N TRP A 64 5.45 30.39 0.66
CA TRP A 64 6.43 31.30 1.22
C TRP A 64 6.28 32.68 0.61
N THR A 65 6.70 33.70 1.34
CA THR A 65 6.69 35.06 0.85
C THR A 65 8.11 35.47 0.42
N SER A 66 8.22 36.64 -0.17
CA SER A 66 9.50 37.12 -0.69
C SER A 66 10.45 37.57 0.42
N GLN A 67 9.94 37.68 1.63
N GLN A 67 9.97 37.67 1.65
CA GLN A 67 10.73 38.09 2.80
CA GLN A 67 10.81 38.06 2.77
C GLN A 67 11.08 36.91 3.69
C GLN A 67 11.03 36.92 3.76
N ASP A 68 10.44 35.76 3.47
CA ASP A 68 10.73 34.56 4.24
C ASP A 68 12.17 34.12 4.01
N SER A 69 12.81 33.61 5.05
CA SER A 69 14.08 32.91 4.91
C SER A 69 13.83 31.42 5.11
N LEU A 70 14.22 30.62 4.12
CA LEU A 70 13.90 29.19 4.14
C LEU A 70 15.03 28.34 4.72
N LEU A 71 16.12 28.98 5.12
CA LEU A 71 17.26 28.27 5.68
C LEU A 71 16.87 27.42 6.89
N GLY A 72 17.24 26.14 6.86
CA GLY A 72 17.01 25.23 7.97
C GLY A 72 15.93 24.22 7.67
N MET A 73 16.29 22.93 7.74
CA MET A 73 15.38 21.84 7.39
C MET A 73 15.11 20.89 8.56
N GLU A 74 15.85 21.03 9.64
CA GLU A 74 15.68 20.12 10.77
C GLU A 74 16.23 20.75 12.04
N PHE A 75 15.72 20.30 13.17
CA PHE A 75 16.06 20.88 14.45
C PHE A 75 15.87 19.88 15.59
N SER A 76 16.48 20.20 16.72
CA SER A 76 16.14 19.57 17.98
C SER A 76 15.88 20.69 19.00
N GLY A 77 15.00 20.43 19.96
CA GLY A 77 14.73 21.40 21.01
C GLY A 77 13.65 20.93 21.95
N ARG A 78 12.76 21.84 22.33
CA ARG A 78 11.66 21.53 23.24
C ARG A 78 10.33 22.05 22.72
N ASP A 79 9.26 21.30 22.97
CA ASP A 79 7.92 21.77 22.67
C ASP A 79 7.47 22.72 23.77
N ALA A 80 6.22 23.15 23.71
CA ALA A 80 5.71 24.13 24.67
C ALA A 80 5.72 23.60 26.10
N SER A 81 5.58 22.28 26.25
CA SER A 81 5.55 21.67 27.57
C SER A 81 6.95 21.38 28.10
N GLY A 82 7.96 21.61 27.28
CA GLY A 82 9.35 21.41 27.69
C GLY A 82 9.90 20.03 27.38
N LYS A 83 9.11 19.21 26.68
CA LYS A 83 9.56 17.87 26.28
C LYS A 83 10.61 17.98 25.19
N ARG A 84 11.67 17.18 25.28
CA ARG A 84 12.72 17.21 24.28
C ARG A 84 12.24 16.56 22.99
N VAL A 85 12.37 17.30 21.89
CA VAL A 85 11.90 16.81 20.59
C VAL A 85 12.91 17.09 19.50
N MET A 86 12.81 16.33 18.42
CA MET A 86 13.52 16.62 17.19
C MET A 86 12.49 16.55 16.08
N GLY A 87 12.74 17.26 14.98
CA GLY A 87 11.78 17.23 13.89
C GLY A 87 12.29 17.67 12.54
N LEU A 88 11.46 17.40 11.54
CA LEU A 88 11.63 17.92 10.18
C LEU A 88 10.78 19.15 9.99
N VAL A 89 11.31 20.14 9.28
CA VAL A 89 10.52 21.28 8.85
C VAL A 89 10.74 21.51 7.36
N PRO A 90 9.71 21.98 6.65
CA PRO A 90 9.84 22.20 5.20
C PRO A 90 10.90 23.25 4.92
N ALA A 91 10.99 24.22 5.83
CA ALA A 91 11.95 25.31 5.75
C ALA A 91 11.91 26.05 7.09
N LYS A 92 12.77 27.06 7.23
CA LYS A 92 12.79 27.96 8.40
C LYS A 92 13.28 27.32 9.69
N GLY A 93 14.07 26.25 9.58
CA GLY A 93 14.59 25.58 10.75
C GLY A 93 15.62 26.39 11.50
N LEU A 94 16.33 27.25 10.76
CA LEU A 94 17.44 28.01 11.32
C LEU A 94 16.90 29.27 11.99
N ALA A 95 16.25 29.07 13.14
CA ALA A 95 15.53 30.12 13.84
C ALA A 95 15.42 29.77 15.32
N THR A 96 14.95 30.71 16.14
CA THR A 96 14.86 30.49 17.59
C THR A 96 13.62 29.66 17.94
N SER A 97 12.65 29.63 17.05
CA SER A 97 11.47 28.80 17.21
C SER A 97 10.95 28.33 15.85
N VAL A 98 10.26 27.19 15.82
CA VAL A 98 9.64 26.71 14.60
C VAL A 98 8.15 26.44 14.81
N LEU A 99 7.37 26.76 13.77
CA LEU A 99 5.96 26.44 13.73
C LEU A 99 5.75 25.29 12.76
N LEU A 100 5.28 24.15 13.27
CA LEU A 100 5.19 22.95 12.45
C LEU A 100 4.11 21.99 12.91
N SER A 101 3.73 21.08 12.03
CA SER A 101 2.79 20.03 12.37
C SER A 101 3.44 19.00 13.30
N PRO A 102 2.73 18.59 14.38
CA PRO A 102 3.28 17.59 15.30
C PRO A 102 3.59 16.25 14.62
N ASP A 103 3.05 16.03 13.42
CA ASP A 103 3.29 14.80 12.68
C ASP A 103 4.77 14.67 12.31
N PHE A 104 5.51 15.77 12.37
CA PHE A 104 6.91 15.78 11.99
C PHE A 104 7.84 15.88 13.20
N LEU A 105 7.31 15.52 14.37
CA LEU A 105 8.10 15.50 15.60
C LEU A 105 8.35 14.08 16.09
N TRP A 106 9.56 13.84 16.59
CA TRP A 106 9.88 12.63 17.34
C TRP A 106 10.38 13.02 18.73
N ASP A 107 10.09 12.18 19.71
CA ASP A 107 10.68 12.34 21.03
C ASP A 107 12.17 11.99 20.96
N VAL A 108 12.98 12.71 21.73
CA VAL A 108 14.40 12.46 21.80
C VAL A 108 14.69 11.46 22.93
N PRO A 109 15.28 10.30 22.60
CA PRO A 109 15.64 9.32 23.64
C PRO A 109 16.48 9.94 24.75
N SER A 110 16.27 9.48 25.98
CA SER A 110 16.93 10.08 27.14
C SER A 110 18.45 10.00 27.04
N ASN A 111 18.96 8.94 26.41
CA ASN A 111 20.40 8.75 26.30
C ASN A 111 21.04 9.65 25.23
N TRP A 112 20.21 10.31 24.42
CA TRP A 112 20.70 11.25 23.42
C TRP A 112 20.83 12.66 23.98
N THR A 113 21.84 13.38 23.52
CA THR A 113 21.91 14.81 23.73
C THR A 113 21.03 15.50 22.69
N LEU A 114 20.52 16.69 23.01
CA LEU A 114 19.77 17.46 22.01
C LEU A 114 20.67 17.77 20.83
N GLU A 115 21.93 18.05 21.13
CA GLU A 115 22.95 18.39 20.14
C GLU A 115 23.01 17.38 19.00
N GLU A 116 23.13 16.10 19.35
CA GLU A 116 23.29 15.05 18.34
C GLU A 116 21.95 14.65 17.73
N ALA A 117 20.86 14.88 18.46
CA ALA A 117 19.54 14.51 17.97
C ALA A 117 19.21 15.31 16.71
N ALA A 118 19.80 16.50 16.60
CA ALA A 118 19.55 17.38 15.46
C ALA A 118 20.00 16.77 14.14
N SER A 119 20.91 15.80 14.21
CA SER A 119 21.50 15.23 13.00
C SER A 119 20.67 14.10 12.38
N VAL A 120 19.55 13.75 13.02
CA VAL A 120 18.83 12.53 12.68
C VAL A 120 17.67 12.67 11.67
N PRO A 121 16.78 13.66 11.87
CA PRO A 121 15.55 13.73 11.06
C PRO A 121 15.73 13.60 9.55
N VAL A 122 16.56 14.41 8.94
CA VAL A 122 16.65 14.44 7.47
C VAL A 122 17.26 13.15 6.91
N VAL A 123 18.42 12.74 7.40
CA VAL A 123 19.12 11.62 6.77
C VAL A 123 18.36 10.32 6.97
N TYR A 124 17.77 10.12 8.14
CA TYR A 124 17.05 8.87 8.40
C TYR A 124 15.65 8.84 7.77
N SER A 125 14.95 9.98 7.76
CA SER A 125 13.68 10.04 7.06
C SER A 125 13.89 9.77 5.58
N THR A 126 14.96 10.35 5.04
CA THR A 126 15.27 10.23 3.62
C THR A 126 15.68 8.79 3.29
N ALA A 127 16.51 8.21 4.13
CA ALA A 127 17.02 6.86 3.88
C ALA A 127 15.93 5.81 4.01
N TYR A 128 15.04 5.96 4.97
CA TYR A 128 13.95 5.00 5.15
C TYR A 128 12.96 5.10 3.99
N TYR A 129 12.62 6.33 3.60
CA TYR A 129 11.70 6.52 2.49
C TYR A 129 12.29 5.92 1.21
N ALA A 130 13.58 6.16 0.98
CA ALA A 130 14.23 5.71 -0.25
C ALA A 130 14.38 4.18 -0.31
N LEU A 131 14.88 3.58 0.77
N LEU A 131 14.88 3.59 0.77
CA LEU A 131 15.19 2.16 0.80
CA LEU A 131 15.19 2.16 0.81
C LEU A 131 13.96 1.28 1.00
C LEU A 131 13.96 1.28 1.00
N VAL A 132 13.11 1.65 1.95
CA VAL A 132 11.96 0.83 2.31
C VAL A 132 10.74 1.12 1.45
N VAL A 133 10.29 2.37 1.45
CA VAL A 133 9.05 2.75 0.77
C VAL A 133 9.21 2.70 -0.74
N ARG A 134 10.29 3.30 -1.26
CA ARG A 134 10.50 3.36 -2.70
C ARG A 134 11.29 2.15 -3.23
N GLY A 135 12.41 1.85 -2.57
CA GLY A 135 13.29 0.78 -3.02
C GLY A 135 12.75 -0.61 -2.72
N ARG A 136 11.94 -0.71 -1.68
CA ARG A 136 11.38 -1.99 -1.25
C ARG A 136 12.47 -3.04 -1.02
N VAL A 137 13.52 -2.64 -0.29
CA VAL A 137 14.62 -3.56 0.00
C VAL A 137 14.10 -4.81 0.70
N ARG A 138 14.67 -5.95 0.34
CA ARG A 138 14.34 -7.23 0.95
C ARG A 138 15.61 -7.87 1.50
N PRO A 139 15.51 -8.63 2.61
CA PRO A 139 16.69 -9.28 3.16
C PRO A 139 17.43 -10.15 2.14
N GLY A 140 18.76 -10.09 2.16
CA GLY A 140 19.56 -10.88 1.25
C GLY A 140 19.75 -10.21 -0.11
N GLU A 141 19.18 -9.02 -0.27
CA GLU A 141 19.45 -8.21 -1.45
C GLU A 141 20.72 -7.42 -1.22
N THR A 142 21.36 -6.99 -2.31
CA THR A 142 22.63 -6.28 -2.24
C THR A 142 22.46 -4.84 -2.68
N LEU A 143 23.13 -3.93 -1.96
CA LEU A 143 23.06 -2.51 -2.24
C LEU A 143 24.42 -1.89 -2.45
N LEU A 144 24.46 -0.89 -3.32
CA LEU A 144 25.65 -0.08 -3.51
C LEU A 144 25.33 1.35 -3.09
N ILE A 145 25.93 1.75 -1.97
CA ILE A 145 25.71 3.09 -1.43
C ILE A 145 26.92 3.98 -1.71
N HIS A 146 26.76 4.93 -2.63
CA HIS A 146 27.84 5.85 -2.93
C HIS A 146 27.97 6.91 -1.83
N SER A 147 29.20 7.29 -1.54
CA SER A 147 29.50 8.24 -0.46
C SER A 147 28.96 7.74 0.87
N GLY A 148 29.43 6.56 1.29
CA GLY A 148 28.94 5.90 2.46
C GLY A 148 29.09 6.67 3.76
N SER A 149 30.08 7.56 3.82
CA SER A 149 30.34 8.32 5.04
C SER A 149 29.51 9.60 5.08
N GLY A 150 28.88 9.93 3.95
CA GLY A 150 27.95 11.05 3.90
C GLY A 150 26.75 10.78 4.78
N GLY A 151 26.01 11.83 5.11
CA GLY A 151 24.86 11.72 6.00
C GLY A 151 23.85 10.66 5.63
N VAL A 152 23.27 10.76 4.44
CA VAL A 152 22.25 9.80 4.01
C VAL A 152 22.90 8.43 3.79
N GLY A 153 24.14 8.43 3.34
CA GLY A 153 24.90 7.20 3.17
C GLY A 153 24.99 6.41 4.46
N GLN A 154 25.35 7.09 5.55
CA GLN A 154 25.48 6.43 6.84
C GLN A 154 24.15 5.85 7.30
N ALA A 155 23.08 6.64 7.16
CA ALA A 155 21.75 6.17 7.54
C ALA A 155 21.37 4.95 6.71
N ALA A 156 21.65 5.02 5.41
CA ALA A 156 21.29 3.94 4.50
C ALA A 156 22.03 2.66 4.85
N ILE A 157 23.32 2.78 5.17
CA ILE A 157 24.12 1.63 5.57
C ILE A 157 23.53 1.00 6.83
N ALA A 158 23.21 1.83 7.82
CA ALA A 158 22.66 1.36 9.08
C ALA A 158 21.35 0.62 8.85
N ILE A 159 20.49 1.17 8.00
CA ILE A 159 19.21 0.56 7.69
C ILE A 159 19.39 -0.73 6.89
N ALA A 160 20.24 -0.68 5.88
CA ALA A 160 20.51 -1.83 5.02
C ALA A 160 20.98 -3.02 5.84
N LEU A 161 21.94 -2.78 6.73
CA LEU A 161 22.49 -3.83 7.58
C LEU A 161 21.44 -4.37 8.55
N SER A 162 20.57 -3.51 9.04
CA SER A 162 19.53 -3.92 9.97
C SER A 162 18.52 -4.85 9.31
N LEU A 163 18.32 -4.67 8.01
CA LEU A 163 17.35 -5.49 7.26
C LEU A 163 18.02 -6.71 6.63
N GLY A 164 19.27 -6.97 7.00
CA GLY A 164 19.97 -8.15 6.56
C GLY A 164 20.50 -8.08 5.14
N CYS A 165 20.62 -6.88 4.61
CA CYS A 165 21.15 -6.68 3.26
C CYS A 165 22.66 -6.62 3.26
N ARG A 166 23.27 -7.12 2.18
CA ARG A 166 24.70 -6.98 2.00
C ARG A 166 25.03 -5.63 1.39
N VAL A 167 26.01 -4.95 1.98
CA VAL A 167 26.33 -3.58 1.62
C VAL A 167 27.69 -3.44 0.93
N PHE A 168 27.68 -2.76 -0.21
CA PHE A 168 28.89 -2.24 -0.80
C PHE A 168 28.81 -0.71 -0.75
N THR A 169 29.95 -0.05 -0.69
CA THR A 169 29.98 1.41 -0.68
C THR A 169 31.24 1.96 -1.35
N THR A 170 31.17 3.23 -1.74
CA THR A 170 32.31 3.97 -2.23
C THR A 170 32.52 5.18 -1.33
N VAL A 171 33.77 5.50 -1.05
CA VAL A 171 34.11 6.62 -0.17
C VAL A 171 35.23 7.46 -0.77
N GLY A 172 35.26 8.73 -0.40
CA GLY A 172 36.22 9.67 -0.96
C GLY A 172 37.64 9.47 -0.47
N SER A 173 37.81 8.91 0.73
CA SER A 173 39.13 8.80 1.33
C SER A 173 39.32 7.60 2.26
N ALA A 174 40.58 7.31 2.57
CA ALA A 174 40.94 6.24 3.48
C ALA A 174 40.40 6.52 4.87
N GLU A 175 40.51 7.77 5.29
CA GLU A 175 39.97 8.19 6.58
C GLU A 175 38.49 7.86 6.68
N LYS A 176 37.74 8.23 5.63
CA LYS A 176 36.32 7.96 5.58
C LYS A 176 36.07 6.45 5.60
N ARG A 177 36.89 5.71 4.87
CA ARG A 177 36.78 4.25 4.86
C ARG A 177 37.00 3.69 6.26
N ALA A 178 38.04 4.19 6.92
CA ALA A 178 38.39 3.74 8.26
C ALA A 178 37.27 4.06 9.24
N TYR A 179 36.66 5.23 9.09
CA TYR A 179 35.57 5.62 9.97
C TYR A 179 34.39 4.67 9.85
N LEU A 180 34.00 4.35 8.62
CA LEU A 180 32.85 3.48 8.38
C LEU A 180 33.11 2.08 8.92
N GLN A 181 34.33 1.58 8.74
CA GLN A 181 34.68 0.24 9.19
C GLN A 181 34.54 0.15 10.71
N ALA A 182 34.86 1.24 11.40
CA ALA A 182 34.77 1.29 12.86
C ALA A 182 33.34 1.50 13.32
N ARG A 183 32.60 2.37 12.63
N ARG A 183 32.61 2.39 12.63
CA ARG A 183 31.21 2.66 12.97
CA ARG A 183 31.22 2.66 12.98
C ARG A 183 30.31 1.47 12.67
C ARG A 183 30.33 1.44 12.69
N PHE A 184 30.67 0.71 11.64
CA PHE A 184 29.90 -0.46 11.22
C PHE A 184 30.79 -1.71 11.16
N PRO A 185 31.00 -2.37 12.31
CA PRO A 185 31.84 -3.57 12.36
C PRO A 185 31.33 -4.72 11.48
N GLN A 186 30.06 -4.69 11.10
CA GLN A 186 29.50 -5.73 10.25
C GLN A 186 30.09 -5.67 8.84
N LEU A 187 30.54 -4.48 8.45
CA LEU A 187 31.22 -4.33 7.16
C LEU A 187 32.56 -5.05 7.22
N ASP A 188 32.98 -5.59 6.07
CA ASP A 188 34.32 -6.16 5.95
C ASP A 188 35.04 -5.44 4.81
N SER A 189 36.24 -5.88 4.49
CA SER A 189 37.06 -5.21 3.49
C SER A 189 36.43 -5.26 2.10
N THR A 190 35.63 -6.28 1.83
CA THR A 190 35.02 -6.43 0.51
C THR A 190 33.89 -5.41 0.32
N SER A 191 33.40 -4.87 1.43
CA SER A 191 32.31 -3.89 1.38
C SER A 191 32.75 -2.59 0.70
N PHE A 192 34.05 -2.30 0.74
CA PHE A 192 34.55 -1.04 0.24
C PHE A 192 35.04 -1.18 -1.20
N ALA A 193 34.27 -0.64 -2.13
CA ALA A 193 34.40 -0.99 -3.54
C ALA A 193 35.41 -0.14 -4.32
N ASN A 194 35.82 1.00 -3.77
CA ASN A 194 36.71 1.91 -4.50
C ASN A 194 38.04 2.14 -3.78
N SER A 195 38.57 1.10 -3.13
CA SER A 195 39.86 1.20 -2.45
C SER A 195 41.04 0.84 -3.36
N ARG A 196 40.75 0.12 -4.44
CA ARG A 196 41.78 -0.36 -5.35
C ARG A 196 41.61 0.23 -6.75
N SER A 199 38.37 -0.57 -10.69
CA SER A 199 37.16 0.25 -10.63
C SER A 199 36.13 -0.38 -9.69
N PHE A 200 35.21 0.42 -9.19
CA PHE A 200 34.26 -0.09 -8.20
C PHE A 200 33.27 -1.06 -8.83
N GLU A 201 32.94 -0.86 -10.10
CA GLU A 201 31.96 -1.72 -10.75
C GLU A 201 32.53 -3.13 -10.95
N GLN A 202 33.81 -3.21 -11.28
CA GLN A 202 34.50 -4.49 -11.38
C GLN A 202 34.50 -5.19 -10.02
N HIS A 203 34.77 -4.41 -8.98
CA HIS A 203 34.80 -4.94 -7.63
C HIS A 203 33.44 -5.53 -7.26
N VAL A 204 32.39 -4.76 -7.48
CA VAL A 204 31.04 -5.20 -7.17
C VAL A 204 30.69 -6.47 -7.94
N LEU A 205 30.99 -6.50 -9.23
CA LEU A 205 30.64 -7.66 -10.05
C LEU A 205 31.33 -8.91 -9.53
N TRP A 206 32.58 -8.77 -9.10
CA TRP A 206 33.37 -9.89 -8.63
C TRP A 206 32.88 -10.44 -7.29
N HIS A 207 32.20 -9.61 -6.51
CA HIS A 207 31.69 -10.02 -5.20
C HIS A 207 30.16 -10.20 -5.23
N THR A 208 29.59 -10.23 -6.43
CA THR A 208 28.17 -10.55 -6.60
C THR A 208 27.98 -11.63 -7.66
N GLY A 209 28.98 -12.51 -7.79
CA GLY A 209 28.93 -13.60 -8.74
C GLY A 209 28.69 -13.14 -10.17
N GLY A 210 29.18 -11.95 -10.50
CA GLY A 210 29.01 -11.40 -11.83
C GLY A 210 27.60 -10.92 -12.10
N LYS A 211 26.75 -10.94 -11.08
CA LYS A 211 25.33 -10.60 -11.25
C LYS A 211 25.05 -9.11 -11.06
N GLY A 212 25.80 -8.47 -10.18
CA GLY A 212 25.60 -7.05 -9.89
C GLY A 212 24.74 -6.80 -8.67
N VAL A 213 24.55 -5.54 -8.30
CA VAL A 213 23.75 -5.20 -7.12
C VAL A 213 22.30 -4.93 -7.48
N ASP A 214 21.42 -5.10 -6.48
CA ASP A 214 19.99 -4.95 -6.68
C ASP A 214 19.55 -3.49 -6.58
N LEU A 215 20.25 -2.71 -5.75
CA LEU A 215 19.94 -1.30 -5.57
C LEU A 215 21.19 -0.43 -5.54
N VAL A 216 21.08 0.76 -6.10
CA VAL A 216 22.15 1.75 -6.10
C VAL A 216 21.62 3.08 -5.54
N LEU A 217 22.35 3.65 -4.59
CA LEU A 217 21.95 4.91 -3.98
C LEU A 217 22.91 6.05 -4.33
N ASN A 218 22.36 7.10 -4.93
CA ASN A 218 23.08 8.35 -5.17
C ASN A 218 24.29 8.20 -6.10
N SER A 219 24.09 7.55 -7.24
CA SER A 219 25.12 7.46 -8.26
C SER A 219 25.30 8.79 -8.99
N LEU A 220 24.22 9.56 -9.11
CA LEU A 220 24.26 10.80 -9.87
C LEU A 220 25.11 11.87 -9.19
N ALA A 221 25.00 11.96 -7.87
CA ALA A 221 25.73 12.96 -7.10
C ALA A 221 27.23 12.88 -7.35
N GLU A 222 27.72 11.68 -7.60
CA GLU A 222 29.15 11.44 -7.79
C GLU A 222 29.51 11.25 -9.26
N GLU A 223 28.51 11.32 -10.14
CA GLU A 223 28.71 11.06 -11.56
C GLU A 223 29.19 9.64 -11.78
N LYS A 224 28.47 8.68 -11.20
CA LYS A 224 28.84 7.28 -11.28
C LYS A 224 27.69 6.41 -11.79
N LEU A 225 26.72 7.05 -12.45
CA LEU A 225 25.56 6.32 -12.96
C LEU A 225 25.95 5.29 -14.01
N GLN A 226 26.63 5.74 -15.05
CA GLN A 226 27.00 4.87 -16.16
C GLN A 226 27.75 3.64 -15.66
N ALA A 227 28.70 3.87 -14.77
CA ALA A 227 29.48 2.80 -14.19
C ALA A 227 28.61 1.91 -13.30
N SER A 228 27.63 2.52 -12.63
CA SER A 228 26.75 1.79 -11.72
C SER A 228 25.80 0.84 -12.47
N VAL A 229 25.36 1.26 -13.65
CA VAL A 229 24.51 0.41 -14.48
C VAL A 229 25.26 -0.87 -14.83
N ARG A 230 26.57 -0.74 -15.03
CA ARG A 230 27.38 -1.88 -15.46
C ARG A 230 27.51 -2.93 -14.36
N CYS A 231 27.36 -2.53 -13.10
CA CYS A 231 27.39 -3.49 -12.00
C CYS A 231 26.01 -3.61 -11.34
N LEU A 232 24.96 -3.28 -12.10
CA LEU A 232 23.59 -3.44 -11.62
C LEU A 232 22.99 -4.75 -12.14
N ALA A 233 22.27 -5.44 -11.28
CA ALA A 233 21.56 -6.65 -11.68
C ALA A 233 20.33 -6.28 -12.50
N THR A 234 19.82 -7.23 -13.27
CA THR A 234 18.58 -7.02 -14.01
C THR A 234 17.46 -6.76 -13.00
N HIS A 235 16.57 -5.84 -13.36
CA HIS A 235 15.48 -5.38 -12.50
C HIS A 235 16.00 -4.61 -11.29
N GLY A 236 17.24 -4.13 -11.37
CA GLY A 236 17.81 -3.31 -10.32
C GLY A 236 17.10 -1.98 -10.19
N ARG A 237 17.25 -1.34 -9.04
CA ARG A 237 16.61 -0.06 -8.75
C ARG A 237 17.63 1.02 -8.40
N PHE A 238 17.56 2.14 -9.10
CA PHE A 238 18.35 3.31 -8.71
C PHE A 238 17.55 4.18 -7.75
N LEU A 239 18.21 4.61 -6.68
CA LEU A 239 17.64 5.56 -5.72
C LEU A 239 18.50 6.81 -5.73
N GLU A 240 17.90 7.95 -6.06
CA GLU A 240 18.65 9.19 -6.21
C GLU A 240 17.98 10.32 -5.47
N ILE A 241 18.61 10.76 -4.39
CA ILE A 241 18.11 11.88 -3.60
C ILE A 241 18.34 13.18 -4.37
N GLY A 242 17.29 13.98 -4.50
CA GLY A 242 17.38 15.24 -5.20
C GLY A 242 18.49 16.13 -4.67
N LYS A 243 19.39 16.53 -5.56
CA LYS A 243 20.40 17.53 -5.27
C LYS A 243 20.26 18.62 -6.32
N PHE A 244 20.17 19.87 -5.87
CA PHE A 244 19.87 20.98 -6.76
C PHE A 244 21.04 21.35 -7.67
N ASP A 245 22.13 20.58 -7.60
CA ASP A 245 23.27 20.74 -8.50
C ASP A 245 23.61 19.42 -9.19
N LEU A 252 21.84 7.77 -21.15
CA LEU A 252 20.73 6.84 -21.32
C LEU A 252 21.11 5.70 -22.26
N GLY A 253 22.09 4.90 -21.85
CA GLY A 253 22.49 3.73 -22.62
C GLY A 253 21.34 2.75 -22.70
N MET A 254 21.44 1.80 -23.64
N MET A 254 21.44 1.79 -23.63
CA MET A 254 20.42 0.79 -23.83
CA MET A 254 20.37 0.81 -23.81
C MET A 254 20.30 -0.13 -22.62
C MET A 254 20.31 -0.17 -22.65
N ALA A 255 21.37 -0.25 -21.86
CA ALA A 255 21.40 -1.14 -20.71
C ALA A 255 20.27 -0.83 -19.73
N ILE A 256 19.89 0.44 -19.65
CA ILE A 256 18.78 0.87 -18.80
C ILE A 256 17.50 0.12 -19.11
N PHE A 257 17.29 -0.17 -20.39
CA PHE A 257 16.06 -0.82 -20.84
C PHE A 257 16.23 -2.33 -20.89
N LEU A 258 17.36 -2.80 -21.39
CA LEU A 258 17.60 -4.23 -21.50
C LEU A 258 17.61 -4.87 -20.11
N LYS A 259 18.12 -4.16 -19.12
CA LYS A 259 18.15 -4.65 -17.75
C LYS A 259 16.86 -4.31 -16.99
N ASN A 260 15.92 -3.65 -17.66
CA ASN A 260 14.64 -3.27 -17.04
C ASN A 260 14.87 -2.50 -15.74
N VAL A 261 15.63 -1.43 -15.85
CA VAL A 261 16.03 -0.64 -14.70
C VAL A 261 14.93 0.33 -14.29
N THR A 262 14.80 0.54 -12.99
CA THR A 262 13.89 1.54 -12.46
C THR A 262 14.67 2.62 -11.73
N PHE A 263 14.33 3.87 -12.00
CA PHE A 263 14.97 5.04 -11.40
C PHE A 263 13.98 5.74 -10.47
N HIS A 264 14.37 5.93 -9.22
CA HIS A 264 13.54 6.62 -8.24
C HIS A 264 14.16 7.96 -7.83
N GLY A 265 13.51 9.05 -8.22
CA GLY A 265 13.89 10.38 -7.76
C GLY A 265 13.24 10.63 -6.43
N VAL A 266 14.02 11.07 -5.44
CA VAL A 266 13.56 11.11 -4.06
C VAL A 266 13.79 12.47 -3.40
N LEU A 267 12.73 13.01 -2.81
CA LEU A 267 12.80 14.19 -1.94
C LEU A 267 11.62 14.15 -0.99
N LEU A 268 11.79 14.71 0.21
CA LEU A 268 10.74 14.65 1.23
C LEU A 268 9.74 15.79 1.15
N ASP A 269 10.06 16.82 0.36
CA ASP A 269 9.28 18.06 0.35
C ASP A 269 7.77 17.85 0.18
N ALA A 270 7.40 16.83 -0.59
CA ALA A 270 5.99 16.57 -0.89
C ALA A 270 5.20 16.19 0.35
N PHE A 271 5.88 15.60 1.34
CA PHE A 271 5.19 15.12 2.54
C PHE A 271 4.70 16.28 3.42
N PHE A 272 5.29 17.46 3.23
CA PHE A 272 4.82 18.65 3.95
C PHE A 272 3.62 19.26 3.24
N ASN A 273 3.29 18.73 2.06
CA ASN A 273 2.30 19.35 1.19
C ASN A 273 1.28 18.34 0.67
N GLU A 274 1.28 18.07 -0.63
CA GLU A 274 0.22 17.24 -1.21
C GLU A 274 0.27 15.78 -0.76
N SER A 275 1.40 15.35 -0.21
CA SER A 275 1.58 13.95 0.19
C SER A 275 1.55 13.74 1.70
N SER A 276 0.99 14.69 2.43
CA SER A 276 0.97 14.62 3.89
C SER A 276 0.23 13.40 4.40
N ALA A 277 -0.71 12.90 3.60
CA ALA A 277 -1.50 11.74 4.00
C ALA A 277 -0.66 10.46 4.07
N ASP A 278 0.52 10.48 3.44
CA ASP A 278 1.37 9.29 3.37
C ASP A 278 2.65 9.43 4.19
N TRP A 279 2.77 10.51 4.96
CA TRP A 279 4.01 10.76 5.69
C TRP A 279 4.24 9.81 6.86
N ARG A 280 3.19 9.49 7.62
CA ARG A 280 3.38 8.80 8.88
C ARG A 280 3.92 7.38 8.70
N GLU A 281 3.83 6.85 7.49
CA GLU A 281 4.49 5.58 7.17
C GLU A 281 5.99 5.75 7.36
N VAL A 282 6.54 6.83 6.79
CA VAL A 282 7.96 7.14 6.92
C VAL A 282 8.29 7.50 8.36
N TRP A 283 7.41 8.27 8.99
CA TRP A 283 7.59 8.63 10.39
C TRP A 283 7.70 7.39 11.27
N ALA A 284 6.82 6.43 11.03
CA ALA A 284 6.79 5.20 11.81
C ALA A 284 8.08 4.42 11.64
N LEU A 285 8.64 4.43 10.44
CA LEU A 285 9.87 3.70 10.16
C LEU A 285 11.02 4.29 10.97
N VAL A 286 11.15 5.61 10.97
CA VAL A 286 12.16 6.29 11.77
C VAL A 286 11.95 5.99 13.24
N GLN A 287 10.70 6.08 13.69
CA GLN A 287 10.37 5.86 15.10
C GLN A 287 10.74 4.45 15.55
N ALA A 288 10.38 3.46 14.73
CA ALA A 288 10.71 2.07 15.03
C ALA A 288 12.23 1.88 15.04
N GLY A 289 12.92 2.55 14.12
CA GLY A 289 14.37 2.45 14.04
C GLY A 289 15.06 3.00 15.27
N ILE A 290 14.50 4.07 15.81
CA ILE A 290 15.00 4.65 17.05
C ILE A 290 14.83 3.67 18.19
N ARG A 291 13.63 3.11 18.30
CA ARG A 291 13.30 2.16 19.35
C ARG A 291 14.21 0.94 19.33
N ASP A 292 14.55 0.46 18.13
CA ASP A 292 15.29 -0.79 17.99
C ASP A 292 16.80 -0.58 17.92
N GLY A 293 17.24 0.67 17.97
CA GLY A 293 18.66 0.99 18.02
C GLY A 293 19.34 1.16 16.68
N VAL A 294 18.58 0.99 15.60
CA VAL A 294 19.11 1.17 14.24
C VAL A 294 19.46 2.63 14.01
N VAL A 295 18.56 3.53 14.36
CA VAL A 295 18.78 4.96 14.17
C VAL A 295 19.78 5.47 15.21
N ARG A 296 21.00 5.76 14.76
CA ARG A 296 22.05 6.31 15.62
C ARG A 296 22.37 7.75 15.23
N PRO A 297 22.51 8.64 16.22
CA PRO A 297 22.92 10.01 15.86
C PRO A 297 24.27 10.04 15.15
N LEU A 298 24.44 10.96 14.21
CA LEU A 298 25.72 11.11 13.52
C LEU A 298 26.71 11.86 14.39
N LYS A 299 27.97 11.86 13.99
CA LYS A 299 28.96 12.74 14.59
CA LYS A 299 28.95 12.73 14.61
C LYS A 299 28.60 14.18 14.27
N CYS A 300 28.74 15.05 15.25
CA CYS A 300 28.37 16.45 15.07
C CYS A 300 29.55 17.38 15.28
N THR A 301 29.68 18.34 14.37
CA THR A 301 30.57 19.49 14.54
C THR A 301 29.68 20.68 14.86
N VAL A 302 29.84 21.24 16.06
CA VAL A 302 28.93 22.26 16.56
C VAL A 302 29.54 23.66 16.49
N PHE A 303 28.72 24.61 16.03
CA PHE A 303 29.08 26.02 15.99
C PHE A 303 28.11 26.81 16.86
N HIS A 304 28.62 27.80 17.59
CA HIS A 304 27.73 28.70 18.31
C HIS A 304 26.91 29.49 17.29
N GLY A 305 25.63 29.69 17.59
CA GLY A 305 24.73 30.41 16.71
C GLY A 305 25.27 31.76 16.24
N ALA A 306 26.10 32.38 17.08
CA ALA A 306 26.73 33.65 16.75
C ALA A 306 27.85 33.47 15.72
N GLN A 307 28.22 32.21 15.47
CA GLN A 307 29.20 31.86 14.44
C GLN A 307 28.54 31.11 13.29
N VAL A 308 27.30 31.49 12.98
CA VAL A 308 26.53 30.78 11.96
C VAL A 308 27.20 30.89 10.59
N GLU A 309 27.81 32.04 10.30
CA GLU A 309 28.52 32.20 9.03
C GLU A 309 29.65 31.18 8.94
N ASP A 310 30.40 31.03 10.01
CA ASP A 310 31.50 30.07 10.05
C ASP A 310 31.01 28.64 9.85
N ALA A 311 29.82 28.35 10.39
CA ALA A 311 29.24 27.03 10.25
C ALA A 311 28.94 26.73 8.78
N PHE A 312 28.40 27.72 8.08
CA PHE A 312 28.07 27.57 6.66
C PHE A 312 29.31 27.39 5.79
N ARG A 313 30.33 28.22 6.01
CA ARG A 313 31.56 28.13 5.24
C ARG A 313 32.26 26.80 5.50
N TYR A 314 32.17 26.32 6.74
CA TYR A 314 32.75 25.05 7.11
C TYR A 314 31.99 23.91 6.44
N MET A 315 30.67 23.98 6.53
CA MET A 315 29.78 23.02 5.88
C MET A 315 30.05 22.95 4.38
N ALA A 316 30.21 24.11 3.75
CA ALA A 316 30.36 24.20 2.31
C ALA A 316 31.64 23.54 1.81
N GLN A 317 32.67 23.50 2.66
CA GLN A 317 33.93 22.87 2.28
C GLN A 317 33.76 21.36 2.11
N GLY A 318 32.83 20.79 2.87
CA GLY A 318 32.49 19.38 2.72
C GLY A 318 33.63 18.44 3.07
N LYS A 319 34.49 18.85 3.99
CA LYS A 319 35.61 18.02 4.42
C LYS A 319 35.30 17.31 5.74
N HIS A 320 34.12 17.59 6.30
CA HIS A 320 33.73 17.05 7.60
C HIS A 320 33.10 15.66 7.47
N ILE A 321 33.09 14.93 8.59
CA ILE A 321 32.36 13.67 8.68
C ILE A 321 31.21 13.84 9.65
N GLY A 322 30.01 13.53 9.19
CA GLY A 322 28.81 13.63 10.02
C GLY A 322 28.05 14.91 9.74
N LYS A 323 27.51 15.51 10.79
CA LYS A 323 26.60 16.64 10.67
C LYS A 323 27.24 17.94 11.16
N VAL A 324 26.91 19.04 10.49
CA VAL A 324 27.25 20.37 10.97
C VAL A 324 26.00 20.95 11.63
N VAL A 325 26.13 21.29 12.91
CA VAL A 325 25.00 21.71 13.73
C VAL A 325 25.24 23.10 14.31
N VAL A 326 24.21 23.93 14.29
CA VAL A 326 24.29 25.28 14.85
C VAL A 326 23.56 25.33 16.18
N GLN A 327 24.25 25.77 17.23
CA GLN A 327 23.64 25.86 18.55
C GLN A 327 22.87 27.17 18.67
N VAL A 328 21.55 27.07 18.63
CA VAL A 328 20.69 28.23 18.77
C VAL A 328 20.46 28.53 20.25
N LEU A 329 20.36 27.47 21.04
CA LEU A 329 20.21 27.58 22.49
C LEU A 329 20.82 26.36 23.15
N ALA A 330 21.80 26.58 24.03
CA ALA A 330 22.48 25.48 24.68
C ALA A 330 21.50 24.67 25.54
N GLU A 331 21.59 23.34 25.43
CA GLU A 331 20.76 22.45 26.24
C GLU A 331 21.09 22.67 27.72
N GLU A 332 20.06 22.80 28.54
CA GLU A 332 20.25 23.03 29.96
C GLU A 332 20.86 21.81 30.64
N PRO A 333 21.62 22.02 31.73
CA PRO A 333 22.08 20.85 32.49
C PRO A 333 20.91 20.10 33.11
N GLU A 334 21.02 18.78 33.20
CA GLU A 334 19.95 17.96 33.78
C GLU A 334 19.72 18.30 35.25
N HIS B 2 14.29 -25.66 -44.04
CA HIS B 2 14.25 -24.42 -43.26
C HIS B 2 14.81 -23.25 -44.06
N ALA B 3 14.12 -22.11 -43.99
CA ALA B 3 14.57 -20.88 -44.63
C ALA B 3 14.37 -19.69 -43.70
N PHE B 4 15.21 -18.68 -43.83
CA PHE B 4 15.09 -17.46 -43.03
C PHE B 4 15.50 -16.23 -43.82
N VAL B 5 15.02 -15.07 -43.38
CA VAL B 5 15.32 -13.81 -44.02
C VAL B 5 16.62 -13.24 -43.46
N SER B 6 17.47 -12.76 -44.36
CA SER B 6 18.76 -12.22 -43.98
C SER B 6 19.23 -11.19 -45.00
N THR B 7 19.93 -10.16 -44.52
CA THR B 7 20.61 -9.24 -45.40
C THR B 7 21.95 -9.87 -45.75
N LEU B 8 22.14 -10.21 -47.02
CA LEU B 8 23.35 -10.87 -47.46
C LEU B 8 24.56 -9.98 -47.19
N THR B 9 24.35 -8.67 -47.35
CA THR B 9 25.35 -7.67 -46.98
C THR B 9 24.80 -6.83 -45.84
N ARG B 10 25.55 -6.76 -44.74
CA ARG B 10 25.14 -6.04 -43.55
C ARG B 10 24.89 -4.56 -43.83
N GLY B 11 23.69 -4.10 -43.50
CA GLY B 11 23.34 -2.70 -43.63
C GLY B 11 22.80 -2.29 -44.98
N ASP B 12 22.70 -3.26 -45.89
CA ASP B 12 22.17 -3.01 -47.23
C ASP B 12 20.84 -3.73 -47.36
N LEU B 13 19.74 -2.96 -47.28
CA LEU B 13 18.41 -3.55 -47.28
C LEU B 13 18.06 -4.11 -48.65
N SER B 14 18.75 -3.61 -49.68
CA SER B 14 18.52 -4.08 -51.03
C SER B 14 19.06 -5.50 -51.20
N SER B 15 19.98 -5.90 -50.32
CA SER B 15 20.58 -7.22 -50.39
C SER B 15 19.78 -8.25 -49.59
N ILE B 16 18.64 -7.84 -49.04
CA ILE B 16 17.83 -8.74 -48.23
C ILE B 16 17.20 -9.82 -49.09
N ARG B 17 17.11 -11.02 -48.54
CA ARG B 17 16.59 -12.17 -49.27
C ARG B 17 16.34 -13.34 -48.35
N TRP B 18 15.64 -14.35 -48.85
CA TRP B 18 15.45 -15.60 -48.13
C TRP B 18 16.65 -16.50 -48.35
N VAL B 19 17.07 -17.19 -47.29
CA VAL B 19 18.22 -18.09 -47.33
C VAL B 19 17.76 -19.50 -47.01
N CYS B 20 17.90 -20.40 -47.98
CA CYS B 20 17.44 -21.77 -47.85
C CYS B 20 18.52 -22.65 -47.23
N ALA B 33 11.40 -27.12 -25.36
CA ALA B 33 11.33 -26.34 -26.59
C ALA B 33 10.46 -27.05 -27.63
N GLN B 34 9.93 -26.26 -28.56
CA GLN B 34 8.96 -26.75 -29.53
C GLN B 34 9.19 -26.14 -30.91
N LEU B 35 9.06 -26.96 -31.94
CA LEU B 35 9.23 -26.50 -33.31
C LEU B 35 7.87 -26.13 -33.88
N CYS B 36 7.72 -24.87 -34.27
CA CYS B 36 6.48 -24.35 -34.84
C CYS B 36 6.69 -23.91 -36.27
N THR B 37 5.68 -24.13 -37.11
CA THR B 37 5.68 -23.66 -38.48
C THR B 37 5.17 -22.22 -38.55
N VAL B 38 5.96 -21.34 -39.15
CA VAL B 38 5.62 -19.92 -39.22
C VAL B 38 4.75 -19.63 -40.44
N TYR B 39 3.55 -19.09 -40.19
CA TYR B 39 2.65 -18.66 -41.26
C TYR B 39 2.78 -17.17 -41.51
N TYR B 40 2.78 -16.39 -40.43
CA TYR B 40 2.93 -14.95 -40.50
C TYR B 40 3.99 -14.47 -39.52
N ALA B 41 4.88 -13.60 -39.99
CA ALA B 41 5.91 -12.98 -39.16
C ALA B 41 5.78 -11.47 -39.25
N SER B 42 5.58 -10.82 -38.11
N SER B 42 5.59 -10.84 -38.10
CA SER B 42 5.42 -9.37 -38.11
CA SER B 42 5.44 -9.39 -38.03
C SER B 42 6.78 -8.69 -38.04
C SER B 42 6.80 -8.70 -38.06
N LEU B 43 6.81 -7.43 -38.49
CA LEU B 43 8.01 -6.62 -38.43
C LEU B 43 7.88 -5.66 -37.26
N ASN B 44 9.00 -5.40 -36.59
CA ASN B 44 9.07 -4.38 -35.57
C ASN B 44 10.22 -3.45 -35.90
N PHE B 45 10.25 -2.29 -35.27
CA PHE B 45 11.25 -1.27 -35.62
C PHE B 45 12.67 -1.80 -35.45
N ARG B 46 12.87 -2.67 -34.46
CA ARG B 46 14.18 -3.26 -34.22
C ARG B 46 14.67 -3.98 -35.47
N ASP B 47 13.76 -4.68 -36.16
CA ASP B 47 14.10 -5.40 -37.38
C ASP B 47 14.63 -4.43 -38.43
N ILE B 48 14.02 -3.25 -38.50
CA ILE B 48 14.44 -2.21 -39.44
C ILE B 48 15.83 -1.69 -39.06
N MET B 49 16.05 -1.52 -37.76
CA MET B 49 17.33 -1.04 -37.26
C MET B 49 18.44 -2.02 -37.61
N LEU B 50 18.15 -3.30 -37.49
CA LEU B 50 19.10 -4.36 -37.82
C LEU B 50 19.39 -4.42 -39.32
N ALA B 51 18.32 -4.44 -40.11
CA ALA B 51 18.44 -4.61 -41.56
C ALA B 51 19.20 -3.47 -42.21
N THR B 52 18.98 -2.26 -41.72
CA THR B 52 19.62 -1.07 -42.29
C THR B 52 20.97 -0.79 -41.63
N GLY B 53 21.36 -1.65 -40.70
CA GLY B 53 22.68 -1.56 -40.10
C GLY B 53 22.83 -0.47 -39.06
N LYS B 54 21.72 0.15 -38.66
CA LYS B 54 21.76 1.15 -37.61
C LYS B 54 21.94 0.48 -36.25
N LEU B 55 21.56 -0.78 -36.17
CA LEU B 55 21.74 -1.57 -34.95
C LEU B 55 22.56 -2.82 -35.24
N SER B 56 23.56 -3.07 -34.41
CA SER B 56 24.39 -4.26 -34.53
C SER B 56 23.75 -5.44 -33.82
N PRO B 57 23.78 -6.64 -34.43
CA PRO B 57 23.21 -7.82 -33.77
C PRO B 57 23.92 -8.17 -32.47
N ASP B 58 25.15 -7.69 -32.30
CA ASP B 58 25.89 -7.91 -31.05
C ASP B 58 25.20 -7.25 -29.87
N ALA B 59 24.41 -6.21 -30.16
CA ALA B 59 23.71 -5.47 -29.12
C ALA B 59 22.51 -6.25 -28.58
N ILE B 60 22.02 -7.21 -29.35
CA ILE B 60 20.87 -8.01 -28.92
C ILE B 60 21.34 -9.12 -27.98
N PRO B 61 20.80 -9.16 -26.75
CA PRO B 61 21.23 -10.17 -25.78
C PRO B 61 20.91 -11.60 -26.22
N GLY B 62 21.66 -12.54 -25.64
CA GLY B 62 21.49 -13.95 -25.94
C GLY B 62 22.77 -14.51 -26.55
N LYS B 63 22.73 -15.79 -26.89
CA LYS B 63 23.89 -16.46 -27.48
C LYS B 63 23.66 -16.68 -28.97
N TRP B 64 24.14 -15.74 -29.77
CA TRP B 64 24.00 -15.80 -31.22
C TRP B 64 25.37 -15.97 -31.85
N THR B 65 25.39 -16.46 -33.08
CA THR B 65 26.63 -16.55 -33.84
C THR B 65 26.62 -15.49 -34.94
N SER B 66 27.78 -15.29 -35.56
CA SER B 66 27.93 -14.36 -36.67
C SER B 66 27.11 -14.82 -37.87
N GLN B 67 26.74 -16.10 -37.90
CA GLN B 67 26.04 -16.66 -39.04
C GLN B 67 24.53 -16.46 -38.89
N ASP B 68 24.08 -16.20 -37.66
CA ASP B 68 22.66 -15.99 -37.36
C ASP B 68 22.08 -14.71 -37.96
N SER B 69 20.82 -14.80 -38.39
CA SER B 69 20.02 -13.63 -38.68
C SER B 69 18.98 -13.49 -37.58
N LEU B 70 18.99 -12.34 -36.90
CA LEU B 70 18.14 -12.13 -35.74
C LEU B 70 16.76 -11.52 -36.08
N LEU B 71 16.52 -11.26 -37.35
CA LEU B 71 15.28 -10.62 -37.78
C LEU B 71 14.05 -11.42 -37.35
N GLY B 72 13.07 -10.73 -36.77
CA GLY B 72 11.81 -11.34 -36.38
C GLY B 72 11.69 -11.59 -34.89
N MET B 73 10.65 -11.01 -34.28
CA MET B 73 10.45 -11.08 -32.83
C MET B 73 9.14 -11.75 -32.43
N GLU B 74 8.25 -11.96 -33.40
CA GLU B 74 6.96 -12.59 -33.10
C GLU B 74 6.36 -13.22 -34.35
N PHE B 75 5.50 -14.21 -34.14
CA PHE B 75 4.93 -14.98 -35.23
C PHE B 75 3.57 -15.54 -34.88
N SER B 76 2.85 -15.99 -35.91
CA SER B 76 1.71 -16.86 -35.71
C SER B 76 1.84 -18.04 -36.67
N GLY B 77 1.30 -19.18 -36.28
CA GLY B 77 1.35 -20.36 -37.12
C GLY B 77 0.78 -21.56 -36.41
N ARG B 78 1.42 -22.72 -36.60
CA ARG B 78 0.99 -23.94 -35.95
C ARG B 78 2.16 -24.61 -35.26
N ASP B 79 1.91 -25.24 -34.11
CA ASP B 79 2.93 -26.03 -33.45
C ASP B 79 3.05 -27.37 -34.17
N ALA B 80 3.83 -28.30 -33.60
CA ALA B 80 4.08 -29.57 -34.25
C ALA B 80 2.79 -30.37 -34.42
N SER B 81 1.86 -30.20 -33.49
CA SER B 81 0.59 -30.93 -33.51
C SER B 81 -0.48 -30.26 -34.37
N GLY B 82 -0.12 -29.12 -34.98
CA GLY B 82 -1.02 -28.43 -35.90
C GLY B 82 -1.98 -27.42 -35.29
N LYS B 83 -1.93 -27.26 -33.97
CA LYS B 83 -2.76 -26.27 -33.30
C LYS B 83 -2.29 -24.86 -33.62
N ARG B 84 -3.23 -23.96 -33.93
CA ARG B 84 -2.89 -22.58 -34.24
C ARG B 84 -2.34 -21.85 -33.02
N VAL B 85 -1.16 -21.25 -33.17
CA VAL B 85 -0.52 -20.53 -32.08
C VAL B 85 0.07 -19.19 -32.52
N MET B 86 0.29 -18.32 -31.54
CA MET B 86 1.06 -17.11 -31.73
C MET B 86 2.12 -17.08 -30.64
N GLY B 87 3.25 -16.43 -30.91
CA GLY B 87 4.33 -16.43 -29.94
C GLY B 87 5.35 -15.31 -30.04
N LEU B 88 6.09 -15.14 -28.94
CA LEU B 88 7.25 -14.27 -28.88
C LEU B 88 8.49 -15.11 -29.09
N VAL B 89 9.44 -14.58 -29.86
CA VAL B 89 10.76 -15.19 -29.97
C VAL B 89 11.79 -14.12 -29.65
N PRO B 90 12.94 -14.53 -29.06
CA PRO B 90 13.97 -13.53 -28.75
C PRO B 90 14.53 -12.93 -30.02
N ALA B 91 14.50 -13.73 -31.08
CA ALA B 91 14.97 -13.36 -32.40
C ALA B 91 14.66 -14.51 -33.37
N LYS B 92 14.99 -14.32 -34.64
CA LYS B 92 14.85 -15.36 -35.68
C LYS B 92 13.40 -15.70 -35.99
N GLY B 93 12.49 -14.75 -35.78
CA GLY B 93 11.08 -14.96 -36.05
C GLY B 93 10.75 -14.95 -37.53
N LEU B 94 11.56 -14.25 -38.31
CA LEU B 94 11.31 -14.10 -39.74
C LEU B 94 11.94 -15.28 -40.47
N ALA B 95 11.26 -16.41 -40.39
CA ALA B 95 11.75 -17.68 -40.90
C ALA B 95 10.58 -18.61 -41.16
N THR B 96 10.85 -19.77 -41.76
CA THR B 96 9.79 -20.72 -42.07
C THR B 96 9.42 -21.56 -40.84
N SER B 97 10.33 -21.62 -39.86
CA SER B 97 10.04 -22.28 -38.60
C SER B 97 10.83 -21.65 -37.46
N VAL B 98 10.30 -21.79 -36.24
CA VAL B 98 10.99 -21.32 -35.05
C VAL B 98 11.07 -22.41 -33.99
N LEU B 99 12.16 -22.42 -33.24
CA LEU B 99 12.32 -23.30 -32.09
C LEU B 99 12.32 -22.47 -30.82
N LEU B 100 11.32 -22.70 -29.97
CA LEU B 100 11.14 -21.85 -28.78
C LEU B 100 10.48 -22.60 -27.64
N SER B 101 10.62 -22.05 -26.44
CA SER B 101 9.96 -22.62 -25.26
C SER B 101 8.45 -22.39 -25.34
N PRO B 102 7.66 -23.41 -24.96
CA PRO B 102 6.21 -23.23 -24.99
C PRO B 102 5.71 -22.13 -24.06
N ASP B 103 6.59 -21.64 -23.19
CA ASP B 103 6.23 -20.57 -22.27
C ASP B 103 5.90 -19.27 -23.01
N PHE B 104 6.35 -19.17 -24.26
CA PHE B 104 6.17 -17.95 -25.05
C PHE B 104 5.16 -18.14 -26.18
N LEU B 105 4.28 -19.13 -26.04
CA LEU B 105 3.21 -19.38 -27.00
C LEU B 105 1.84 -19.10 -26.38
N TRP B 106 0.92 -18.60 -27.21
CA TRP B 106 -0.49 -18.49 -26.83
C TRP B 106 -1.36 -19.20 -27.86
N ASP B 107 -2.46 -19.79 -27.42
CA ASP B 107 -3.44 -20.31 -28.35
C ASP B 107 -4.09 -19.15 -29.08
N VAL B 108 -4.43 -19.36 -30.35
CA VAL B 108 -5.11 -18.34 -31.15
C VAL B 108 -6.63 -18.54 -31.08
N PRO B 109 -7.37 -17.50 -30.62
CA PRO B 109 -8.83 -17.59 -30.55
C PRO B 109 -9.46 -17.90 -31.91
N SER B 110 -10.59 -18.60 -31.89
CA SER B 110 -11.26 -19.04 -33.11
C SER B 110 -11.64 -17.88 -34.01
N ASN B 111 -12.00 -16.76 -33.40
CA ASN B 111 -12.47 -15.60 -34.13
C ASN B 111 -11.35 -14.80 -34.79
N TRP B 112 -10.10 -15.15 -34.49
CA TRP B 112 -8.96 -14.49 -35.11
C TRP B 112 -8.45 -15.25 -36.33
N THR B 113 -7.92 -14.52 -37.30
CA THR B 113 -7.15 -15.11 -38.37
C THR B 113 -5.70 -15.21 -37.90
N LEU B 114 -4.94 -16.12 -38.49
CA LEU B 114 -3.53 -16.24 -38.16
C LEU B 114 -2.83 -14.93 -38.55
N GLU B 115 -3.28 -14.35 -39.65
CA GLU B 115 -2.74 -13.09 -40.14
C GLU B 115 -2.68 -12.02 -39.06
N GLU B 116 -3.81 -11.78 -38.39
CA GLU B 116 -3.90 -10.70 -37.42
C GLU B 116 -3.38 -11.10 -36.04
N ALA B 117 -3.38 -12.40 -35.76
CA ALA B 117 -2.88 -12.90 -34.49
C ALA B 117 -1.40 -12.57 -34.34
N ALA B 118 -0.70 -12.46 -35.47
CA ALA B 118 0.73 -12.16 -35.48
C ALA B 118 1.02 -10.74 -34.98
N SER B 119 -0.01 -9.91 -34.84
CA SER B 119 0.16 -8.52 -34.42
C SER B 119 0.09 -8.35 -32.90
N VAL B 120 -0.15 -9.43 -32.18
CA VAL B 120 -0.50 -9.33 -30.76
C VAL B 120 0.66 -9.48 -29.77
N PRO B 121 1.50 -10.52 -29.92
CA PRO B 121 2.47 -10.87 -28.87
C PRO B 121 3.33 -9.73 -28.32
N VAL B 122 4.02 -8.98 -29.19
CA VAL B 122 4.95 -7.96 -28.71
C VAL B 122 4.24 -6.78 -28.04
N VAL B 123 3.29 -6.16 -28.74
CA VAL B 123 2.69 -4.93 -28.22
C VAL B 123 1.90 -5.17 -26.94
N TYR B 124 1.20 -6.30 -26.84
CA TYR B 124 0.40 -6.56 -25.64
C TYR B 124 1.24 -7.08 -24.47
N SER B 125 2.28 -7.87 -24.77
CA SER B 125 3.19 -8.29 -23.71
C SER B 125 3.91 -7.08 -23.14
N THR B 126 4.33 -6.18 -24.04
CA THR B 126 5.03 -4.97 -23.65
C THR B 126 4.12 -4.06 -22.84
N ALA B 127 2.91 -3.83 -23.35
CA ALA B 127 1.94 -2.96 -22.68
C ALA B 127 1.55 -3.48 -21.29
N TYR B 128 1.25 -4.77 -21.19
CA TYR B 128 0.87 -5.34 -19.91
C TYR B 128 2.02 -5.28 -18.89
N TYR B 129 3.22 -5.61 -19.34
CA TYR B 129 4.38 -5.58 -18.45
C TYR B 129 4.66 -4.13 -17.99
N ALA B 130 4.59 -3.19 -18.92
CA ALA B 130 4.87 -1.79 -18.59
C ALA B 130 3.80 -1.17 -17.67
N LEU B 131 2.53 -1.33 -18.03
CA LEU B 131 1.44 -0.68 -17.31
C LEU B 131 1.10 -1.34 -15.98
N VAL B 132 1.00 -2.67 -15.99
CA VAL B 132 0.52 -3.41 -14.82
C VAL B 132 1.67 -3.86 -13.91
N VAL B 133 2.62 -4.61 -14.46
CA VAL B 133 3.70 -5.15 -13.64
C VAL B 133 4.64 -4.04 -13.13
N ARG B 134 5.05 -3.16 -14.01
CA ARG B 134 5.99 -2.10 -13.65
C ARG B 134 5.26 -0.86 -13.16
N GLY B 135 4.30 -0.38 -13.95
CA GLY B 135 3.56 0.82 -13.62
C GLY B 135 2.63 0.67 -12.43
N ARG B 136 2.16 -0.56 -12.22
CA ARG B 136 1.21 -0.85 -11.15
C ARG B 136 0.00 0.08 -11.23
N VAL B 137 -0.51 0.28 -12.44
CA VAL B 137 -1.68 1.10 -12.68
C VAL B 137 -2.87 0.59 -11.85
N ARG B 138 -3.63 1.53 -11.29
CA ARG B 138 -4.79 1.20 -10.48
C ARG B 138 -6.04 1.83 -11.07
N PRO B 139 -7.22 1.23 -10.82
CA PRO B 139 -8.47 1.86 -11.28
C PRO B 139 -8.63 3.27 -10.73
N GLY B 140 -9.07 4.19 -11.58
CA GLY B 140 -9.28 5.57 -11.17
C GLY B 140 -8.04 6.42 -11.36
N GLU B 141 -6.93 5.80 -11.73
CA GLU B 141 -5.72 6.55 -12.06
C GLU B 141 -5.78 7.02 -13.51
N THR B 142 -4.98 8.03 -13.81
CA THR B 142 -4.98 8.67 -15.13
C THR B 142 -3.66 8.44 -15.85
N LEU B 143 -3.75 8.24 -17.16
CA LEU B 143 -2.59 7.93 -17.99
C LEU B 143 -2.46 8.87 -19.18
N LEU B 144 -1.22 9.25 -19.49
CA LEU B 144 -0.93 9.96 -20.73
C LEU B 144 -0.15 9.05 -21.65
N ILE B 145 -0.80 8.59 -22.71
CA ILE B 145 -0.18 7.66 -23.65
C ILE B 145 0.19 8.38 -24.93
N HIS B 146 1.49 8.63 -25.12
CA HIS B 146 1.95 9.33 -26.30
C HIS B 146 1.90 8.41 -27.51
N SER B 147 1.59 8.98 -28.68
CA SER B 147 1.43 8.23 -29.91
C SER B 147 0.43 7.08 -29.73
N GLY B 148 -0.81 7.42 -29.42
CA GLY B 148 -1.82 6.43 -29.12
C GLY B 148 -2.10 5.44 -30.24
N SER B 149 -1.83 5.83 -31.48
CA SER B 149 -2.14 4.97 -32.62
C SER B 149 -1.01 3.97 -32.91
N GLY B 150 0.14 4.17 -32.27
CA GLY B 150 1.23 3.21 -32.35
C GLY B 150 0.83 1.89 -31.73
N GLY B 151 1.56 0.83 -32.06
CA GLY B 151 1.23 -0.51 -31.60
C GLY B 151 1.08 -0.65 -30.10
N VAL B 152 2.15 -0.31 -29.37
CA VAL B 152 2.13 -0.40 -27.92
C VAL B 152 1.11 0.57 -27.35
N GLY B 153 0.99 1.74 -27.97
CA GLY B 153 0.01 2.73 -27.55
C GLY B 153 -1.40 2.18 -27.59
N GLN B 154 -1.77 1.54 -28.69
CA GLN B 154 -3.11 0.96 -28.83
C GLN B 154 -3.37 -0.11 -27.77
N ALA B 155 -2.38 -0.95 -27.52
CA ALA B 155 -2.49 -1.98 -26.51
C ALA B 155 -2.65 -1.34 -25.14
N ALA B 156 -1.88 -0.29 -24.88
CA ALA B 156 -1.90 0.40 -23.60
C ALA B 156 -3.28 1.02 -23.36
N ILE B 157 -3.86 1.61 -24.40
CA ILE B 157 -5.19 2.22 -24.30
C ILE B 157 -6.23 1.16 -23.97
N ALA B 158 -6.18 0.03 -24.68
CA ALA B 158 -7.12 -1.06 -24.45
C ALA B 158 -7.05 -1.53 -22.98
N ILE B 159 -5.82 -1.70 -22.48
CA ILE B 159 -5.63 -2.18 -21.12
C ILE B 159 -6.10 -1.16 -20.09
N ALA B 160 -5.72 0.10 -20.29
CA ALA B 160 -6.09 1.18 -19.38
C ALA B 160 -7.61 1.32 -19.23
N LEU B 161 -8.32 1.26 -20.36
CA LEU B 161 -9.77 1.40 -20.34
C LEU B 161 -10.43 0.22 -19.64
N SER B 162 -9.86 -0.97 -19.82
CA SER B 162 -10.41 -2.18 -19.22
C SER B 162 -10.27 -2.14 -17.70
N LEU B 163 -9.28 -1.38 -17.21
CA LEU B 163 -9.00 -1.28 -15.79
C LEU B 163 -9.66 -0.05 -15.15
N GLY B 164 -10.54 0.60 -15.91
CA GLY B 164 -11.28 1.74 -15.39
C GLY B 164 -10.41 2.97 -15.21
N CYS B 165 -9.36 3.09 -16.02
CA CYS B 165 -8.48 4.26 -15.99
C CYS B 165 -8.94 5.30 -16.99
N ARG B 166 -8.68 6.57 -16.67
CA ARG B 166 -8.93 7.64 -17.61
C ARG B 166 -7.72 7.80 -18.52
N VAL B 167 -7.97 7.90 -19.82
CA VAL B 167 -6.91 7.92 -20.81
C VAL B 167 -6.80 9.28 -21.48
N PHE B 168 -5.59 9.82 -21.49
CA PHE B 168 -5.23 10.94 -22.33
C PHE B 168 -4.21 10.43 -23.33
N THR B 169 -4.26 10.94 -24.56
CA THR B 169 -3.30 10.51 -25.57
C THR B 169 -2.98 11.66 -26.53
N THR B 170 -1.80 11.58 -27.12
CA THR B 170 -1.40 12.46 -28.21
C THR B 170 -1.25 11.63 -29.47
N VAL B 171 -1.70 12.20 -30.59
CA VAL B 171 -1.66 11.52 -31.88
C VAL B 171 -1.01 12.40 -32.94
N GLY B 172 -0.53 11.78 -34.00
CA GLY B 172 0.19 12.49 -35.04
C GLY B 172 -0.72 13.21 -36.03
N SER B 173 -1.96 12.74 -36.15
CA SER B 173 -2.89 13.31 -37.13
C SER B 173 -4.35 13.07 -36.78
N ALA B 174 -5.24 13.73 -37.50
CA ALA B 174 -6.68 13.58 -37.28
C ALA B 174 -7.17 12.19 -37.68
N GLU B 175 -6.58 11.61 -38.72
CA GLU B 175 -6.94 10.24 -39.11
C GLU B 175 -6.68 9.29 -37.97
N LYS B 176 -5.53 9.47 -37.31
CA LYS B 176 -5.16 8.62 -36.19
C LYS B 176 -6.13 8.85 -35.03
N ARG B 177 -6.51 10.09 -34.79
CA ARG B 177 -7.53 10.36 -33.78
C ARG B 177 -8.83 9.68 -34.17
N ALA B 178 -9.26 9.90 -35.41
CA ALA B 178 -10.50 9.32 -35.90
C ALA B 178 -10.49 7.81 -35.77
N TYR B 179 -9.37 7.18 -36.12
CA TYR B 179 -9.26 5.73 -35.97
C TYR B 179 -9.40 5.32 -34.52
N LEU B 180 -8.68 6.01 -33.64
CA LEU B 180 -8.69 5.69 -32.22
C LEU B 180 -10.07 5.90 -31.61
N GLN B 181 -10.71 7.00 -31.97
CA GLN B 181 -12.04 7.30 -31.48
C GLN B 181 -13.02 6.22 -31.92
N ALA B 182 -12.84 5.72 -33.14
CA ALA B 182 -13.70 4.69 -33.68
C ALA B 182 -13.36 3.32 -33.09
N ARG B 183 -12.06 3.07 -32.93
CA ARG B 183 -11.60 1.81 -32.35
C ARG B 183 -11.95 1.72 -30.87
N PHE B 184 -11.91 2.86 -30.18
CA PHE B 184 -12.19 2.93 -28.75
C PHE B 184 -13.31 3.93 -28.46
N PRO B 185 -14.57 3.49 -28.59
CA PRO B 185 -15.71 4.39 -28.37
C PRO B 185 -15.78 4.95 -26.95
N GLN B 186 -15.11 4.30 -26.01
CA GLN B 186 -15.12 4.76 -24.62
C GLN B 186 -14.37 6.08 -24.49
N LEU B 187 -13.44 6.34 -25.40
CA LEU B 187 -12.73 7.62 -25.41
C LEU B 187 -13.68 8.73 -25.81
N ASP B 188 -13.39 9.95 -25.35
CA ASP B 188 -14.15 11.14 -25.73
C ASP B 188 -13.20 12.23 -26.19
N SER B 189 -13.75 13.40 -26.53
CA SER B 189 -12.96 14.50 -27.04
C SER B 189 -11.87 14.93 -26.06
N THR B 190 -12.12 14.74 -24.77
CA THR B 190 -11.17 15.16 -23.74
C THR B 190 -9.99 14.19 -23.66
N SER B 191 -10.14 13.00 -24.24
CA SER B 191 -9.08 12.00 -24.25
C SER B 191 -7.92 12.40 -25.15
N PHE B 192 -8.20 13.23 -26.15
CA PHE B 192 -7.19 13.61 -27.13
C PHE B 192 -6.61 14.97 -26.79
N ALA B 193 -5.35 14.95 -26.37
CA ALA B 193 -4.74 16.08 -25.68
C ALA B 193 -4.03 17.07 -26.59
N ASN B 194 -3.79 16.69 -27.84
CA ASN B 194 -3.04 17.53 -28.77
C ASN B 194 -3.78 17.89 -30.05
N SER B 195 -5.10 18.00 -29.96
CA SER B 195 -5.90 18.44 -31.10
C SER B 195 -5.86 19.96 -31.23
N SER B 199 -1.84 22.95 -26.30
CA SER B 199 -0.78 22.05 -25.86
C SER B 199 -1.34 20.97 -24.94
N PHE B 200 -0.78 19.77 -25.00
CA PHE B 200 -1.31 18.63 -24.24
C PHE B 200 -1.12 18.82 -22.73
N GLU B 201 -0.02 19.46 -22.34
CA GLU B 201 0.23 19.68 -20.91
C GLU B 201 -0.86 20.58 -20.31
N GLN B 202 -1.25 21.61 -21.06
CA GLN B 202 -2.33 22.50 -20.62
C GLN B 202 -3.66 21.77 -20.58
N HIS B 203 -3.92 20.98 -21.63
CA HIS B 203 -5.13 20.18 -21.71
C HIS B 203 -5.21 19.18 -20.55
N VAL B 204 -4.11 18.46 -20.33
CA VAL B 204 -4.04 17.46 -19.27
C VAL B 204 -4.20 18.11 -17.89
N LEU B 205 -3.52 19.24 -17.68
CA LEU B 205 -3.59 19.90 -16.38
C LEU B 205 -5.00 20.39 -16.08
N TRP B 206 -5.72 20.85 -17.10
CA TRP B 206 -7.07 21.35 -16.89
C TRP B 206 -8.06 20.23 -16.60
N HIS B 207 -7.85 19.07 -17.24
CA HIS B 207 -8.80 17.98 -17.10
C HIS B 207 -8.41 17.03 -15.96
N THR B 208 -7.36 17.37 -15.24
CA THR B 208 -7.00 16.64 -14.01
C THR B 208 -7.02 17.58 -12.82
N GLY B 209 -7.66 18.73 -12.98
CA GLY B 209 -7.79 19.68 -11.89
C GLY B 209 -6.46 20.20 -11.40
N GLY B 210 -5.48 20.29 -12.31
CA GLY B 210 -4.16 20.76 -11.95
C GLY B 210 -3.33 19.71 -11.21
N LYS B 211 -3.86 18.50 -11.11
CA LYS B 211 -3.22 17.45 -10.33
C LYS B 211 -2.15 16.76 -11.17
N GLY B 212 -2.41 16.64 -12.47
CA GLY B 212 -1.50 15.96 -13.40
C GLY B 212 -1.88 14.51 -13.56
N VAL B 213 -1.16 13.80 -14.43
CA VAL B 213 -1.45 12.39 -14.67
C VAL B 213 -0.55 11.51 -13.82
N ASP B 214 -1.03 10.30 -13.52
CA ASP B 214 -0.32 9.37 -12.67
C ASP B 214 0.75 8.58 -13.42
N LEU B 215 0.52 8.33 -14.71
CA LEU B 215 1.46 7.57 -15.55
C LEU B 215 1.62 8.20 -16.93
N VAL B 216 2.85 8.16 -17.45
CA VAL B 216 3.13 8.62 -18.81
C VAL B 216 3.87 7.51 -19.57
N LEU B 217 3.43 7.24 -20.80
CA LEU B 217 4.04 6.21 -21.63
C LEU B 217 4.71 6.80 -22.86
N ASN B 218 6.01 6.52 -22.99
CA ASN B 218 6.79 6.84 -24.19
C ASN B 218 6.88 8.32 -24.51
N SER B 219 7.33 9.11 -23.53
CA SER B 219 7.56 10.53 -23.73
C SER B 219 8.92 10.77 -24.42
N LEU B 220 9.88 9.89 -24.18
CA LEU B 220 11.22 10.10 -24.74
C LEU B 220 11.22 9.90 -26.25
N ALA B 221 10.56 8.84 -26.70
CA ALA B 221 10.47 8.53 -28.12
C ALA B 221 9.91 9.70 -28.90
N GLU B 222 8.94 10.39 -28.29
CA GLU B 222 8.28 11.53 -28.92
C GLU B 222 8.94 12.86 -28.59
N GLU B 223 9.94 12.82 -27.71
CA GLU B 223 10.65 14.03 -27.31
C GLU B 223 9.73 14.97 -26.54
N LYS B 224 8.96 14.40 -25.61
CA LYS B 224 7.98 15.15 -24.84
C LYS B 224 8.18 14.97 -23.34
N LEU B 225 9.43 14.73 -22.93
CA LEU B 225 9.73 14.46 -21.53
C LEU B 225 9.44 15.67 -20.64
N GLN B 226 10.06 16.80 -20.97
CA GLN B 226 9.97 18.00 -20.14
C GLN B 226 8.51 18.43 -19.94
N ALA B 227 7.75 18.47 -21.03
CA ALA B 227 6.35 18.85 -20.97
C ALA B 227 5.54 17.81 -20.19
N SER B 228 5.90 16.55 -20.31
CA SER B 228 5.17 15.47 -19.65
C SER B 228 5.37 15.55 -18.13
N VAL B 229 6.58 15.92 -17.71
CA VAL B 229 6.86 16.13 -16.30
C VAL B 229 5.99 17.25 -15.75
N ARG B 230 5.75 18.27 -16.56
CA ARG B 230 5.00 19.43 -16.11
C ARG B 230 3.53 19.11 -15.84
N CYS B 231 2.99 18.10 -16.51
CA CYS B 231 1.61 17.67 -16.26
C CYS B 231 1.57 16.31 -15.57
N LEU B 232 2.65 15.98 -14.87
CA LEU B 232 2.72 14.74 -14.09
C LEU B 232 2.33 14.98 -12.63
N ALA B 233 1.52 14.08 -12.08
CA ALA B 233 1.18 14.13 -10.66
C ALA B 233 2.36 13.73 -9.78
N THR B 234 2.32 14.18 -8.52
CA THR B 234 3.33 13.75 -7.56
C THR B 234 3.25 12.24 -7.40
N HIS B 235 4.41 11.59 -7.36
CA HIS B 235 4.55 10.14 -7.31
C HIS B 235 4.15 9.50 -8.64
N GLY B 236 4.12 10.31 -9.69
CA GLY B 236 3.80 9.82 -11.01
C GLY B 236 4.89 8.90 -11.53
N ARG B 237 4.55 8.08 -12.51
CA ARG B 237 5.49 7.13 -13.09
C ARG B 237 5.66 7.32 -14.58
N PHE B 238 6.92 7.32 -15.02
CA PHE B 238 7.23 7.33 -16.45
C PHE B 238 7.50 5.89 -16.87
N LEU B 239 6.85 5.48 -17.96
CA LEU B 239 7.05 4.18 -18.57
C LEU B 239 7.64 4.39 -19.95
N GLU B 240 8.81 3.81 -20.20
CA GLU B 240 9.51 4.03 -21.46
C GLU B 240 10.02 2.73 -22.07
N ILE B 241 9.47 2.38 -23.23
CA ILE B 241 9.90 1.21 -23.96
C ILE B 241 11.23 1.48 -24.66
N GLY B 242 12.20 0.59 -24.49
CA GLY B 242 13.49 0.76 -25.12
C GLY B 242 13.39 0.87 -26.63
N LYS B 243 14.09 1.85 -27.19
CA LYS B 243 14.24 2.01 -28.63
C LYS B 243 15.70 2.30 -28.92
N PHE B 244 16.28 1.56 -29.86
CA PHE B 244 17.71 1.66 -30.11
C PHE B 244 18.10 2.95 -30.84
N ASP B 245 17.11 3.70 -31.33
CA ASP B 245 17.37 5.01 -31.93
C ASP B 245 16.96 6.14 -30.97
N LEU B 246 17.59 6.16 -29.80
CA LEU B 246 17.40 7.22 -28.82
C LEU B 246 18.66 8.07 -28.66
N LEU B 252 17.41 16.43 -16.83
CA LEU B 252 16.75 16.15 -15.56
C LEU B 252 16.53 17.42 -14.75
N GLY B 253 15.31 17.94 -14.78
CA GLY B 253 14.95 19.07 -13.94
C GLY B 253 14.74 18.59 -12.51
N MET B 254 14.61 19.54 -11.58
CA MET B 254 14.36 19.19 -10.18
C MET B 254 12.95 18.69 -9.95
N ALA B 255 12.05 18.93 -10.90
CA ALA B 255 10.67 18.47 -10.78
C ALA B 255 10.63 16.96 -10.64
N ILE B 256 11.58 16.30 -11.29
CA ILE B 256 11.72 14.84 -11.22
C ILE B 256 11.83 14.36 -9.77
N PHE B 257 12.56 15.13 -8.96
CA PHE B 257 12.80 14.73 -7.58
C PHE B 257 11.72 15.30 -6.65
N LEU B 258 11.34 16.55 -6.86
CA LEU B 258 10.35 17.19 -6.03
C LEU B 258 9.01 16.47 -6.12
N LYS B 259 8.71 15.93 -7.30
CA LYS B 259 7.47 15.18 -7.51
C LYS B 259 7.65 13.69 -7.21
N ASN B 260 8.84 13.31 -6.74
CA ASN B 260 9.12 11.90 -6.43
C ASN B 260 8.78 10.99 -7.60
N VAL B 261 9.33 11.31 -8.76
CA VAL B 261 9.02 10.59 -9.99
C VAL B 261 9.76 9.28 -10.04
N THR B 262 9.11 8.26 -10.60
CA THR B 262 9.75 6.97 -10.83
C THR B 262 9.75 6.69 -12.33
N PHE B 263 10.92 6.32 -12.84
CA PHE B 263 11.10 6.07 -14.28
C PHE B 263 11.33 4.58 -14.48
N HIS B 264 10.60 4.00 -15.42
CA HIS B 264 10.69 2.58 -15.74
C HIS B 264 11.16 2.34 -17.18
N GLY B 265 12.39 1.85 -17.32
CA GLY B 265 12.90 1.43 -18.61
C GLY B 265 12.44 0.01 -18.88
N VAL B 266 11.91 -0.24 -20.06
CA VAL B 266 11.20 -1.49 -20.32
C VAL B 266 11.64 -2.13 -21.63
N LEU B 267 12.01 -3.40 -21.55
CA LEU B 267 12.20 -4.27 -22.73
C LEU B 267 11.93 -5.72 -22.33
N LEU B 268 11.53 -6.55 -23.28
CA LEU B 268 11.15 -7.92 -22.99
C LEU B 268 12.32 -8.92 -23.06
N ASP B 269 13.44 -8.47 -23.61
CA ASP B 269 14.57 -9.36 -23.89
C ASP B 269 14.99 -10.19 -22.68
N ALA B 270 14.99 -9.58 -21.50
CA ALA B 270 15.42 -10.25 -20.28
C ALA B 270 14.61 -11.52 -19.99
N PHE B 271 13.35 -11.55 -20.43
CA PHE B 271 12.49 -12.68 -20.11
C PHE B 271 12.93 -13.96 -20.81
N PHE B 272 13.63 -13.81 -21.92
CA PHE B 272 14.16 -14.97 -22.66
C PHE B 272 15.44 -15.50 -22.02
N ASN B 273 15.98 -14.76 -21.07
CA ASN B 273 17.29 -15.08 -20.52
C ASN B 273 17.31 -15.14 -18.99
N GLU B 274 17.79 -14.09 -18.34
CA GLU B 274 18.00 -14.13 -16.89
C GLU B 274 16.72 -13.91 -16.09
N SER B 275 15.66 -13.41 -16.74
CA SER B 275 14.41 -13.14 -16.04
C SER B 275 13.27 -14.05 -16.50
N SER B 276 13.60 -15.31 -16.79
CA SER B 276 12.61 -16.25 -17.30
C SER B 276 11.57 -16.59 -16.23
N ALA B 277 11.99 -16.55 -14.96
CA ALA B 277 11.09 -16.83 -13.86
C ALA B 277 10.01 -15.76 -13.71
N ASP B 278 10.31 -14.57 -14.19
CA ASP B 278 9.41 -13.42 -14.10
C ASP B 278 8.39 -13.36 -15.25
N TRP B 279 8.62 -14.14 -16.28
CA TRP B 279 7.80 -14.09 -17.49
C TRP B 279 6.33 -14.48 -17.30
N ARG B 280 6.06 -15.50 -16.49
CA ARG B 280 4.70 -16.02 -16.36
C ARG B 280 3.66 -14.99 -16.00
N GLU B 281 4.02 -14.03 -15.15
CA GLU B 281 3.09 -12.99 -14.75
C GLU B 281 2.60 -12.22 -15.98
N VAL B 282 3.52 -11.89 -16.88
CA VAL B 282 3.18 -11.16 -18.10
C VAL B 282 2.38 -12.05 -19.06
N TRP B 283 2.82 -13.30 -19.20
CA TRP B 283 2.11 -14.25 -20.05
C TRP B 283 0.67 -14.41 -19.62
N ALA B 284 0.46 -14.54 -18.30
CA ALA B 284 -0.87 -14.74 -17.76
C ALA B 284 -1.74 -13.50 -17.94
N LEU B 285 -1.12 -12.32 -17.87
CA LEU B 285 -1.84 -11.07 -18.10
C LEU B 285 -2.36 -10.99 -19.53
N VAL B 286 -1.51 -11.37 -20.48
CA VAL B 286 -1.89 -11.36 -21.88
C VAL B 286 -2.99 -12.39 -22.13
N GLN B 287 -2.82 -13.59 -21.60
CA GLN B 287 -3.79 -14.66 -21.77
C GLN B 287 -5.14 -14.24 -21.18
N ALA B 288 -5.10 -13.62 -20.01
CA ALA B 288 -6.30 -13.15 -19.34
C ALA B 288 -6.98 -12.05 -20.15
N GLY B 289 -6.18 -11.19 -20.76
CA GLY B 289 -6.70 -10.12 -21.60
C GLY B 289 -7.41 -10.68 -22.82
N ILE B 290 -6.88 -11.77 -23.36
CA ILE B 290 -7.50 -12.45 -24.48
C ILE B 290 -8.82 -13.04 -24.02
N ARG B 291 -8.81 -13.65 -22.84
CA ARG B 291 -10.00 -14.27 -22.26
C ARG B 291 -11.11 -13.24 -22.06
N ASP B 292 -10.74 -12.08 -21.55
CA ASP B 292 -11.73 -11.04 -21.25
C ASP B 292 -12.07 -10.20 -22.47
N GLY B 293 -11.41 -10.47 -23.59
CA GLY B 293 -11.68 -9.73 -24.81
C GLY B 293 -11.02 -8.36 -24.84
N VAL B 294 -10.15 -8.09 -23.88
CA VAL B 294 -9.42 -6.83 -23.85
C VAL B 294 -8.40 -6.81 -24.98
N VAL B 295 -7.70 -7.93 -25.16
CA VAL B 295 -6.68 -8.05 -26.20
C VAL B 295 -7.34 -8.21 -27.56
N ARG B 296 -7.16 -7.21 -28.42
CA ARG B 296 -7.72 -7.23 -29.77
C ARG B 296 -6.59 -7.11 -30.79
N PRO B 297 -6.63 -7.94 -31.85
CA PRO B 297 -5.59 -7.82 -32.87
C PRO B 297 -5.55 -6.42 -33.48
N LEU B 298 -4.36 -5.98 -33.88
CA LEU B 298 -4.19 -4.71 -34.55
C LEU B 298 -4.62 -4.84 -36.00
N LYS B 299 -4.71 -3.71 -36.69
CA LYS B 299 -4.85 -3.70 -38.13
C LYS B 299 -3.54 -4.16 -38.75
N CYS B 300 -3.66 -4.94 -39.83
CA CYS B 300 -2.49 -5.53 -40.46
C CYS B 300 -2.37 -5.14 -41.93
N THR B 301 -1.16 -4.75 -42.31
CA THR B 301 -0.81 -4.53 -43.70
C THR B 301 0.11 -5.68 -44.08
N VAL B 302 -0.31 -6.50 -45.04
CA VAL B 302 0.36 -7.76 -45.33
C VAL B 302 1.16 -7.72 -46.62
N PHE B 303 2.37 -8.29 -46.55
CA PHE B 303 3.23 -8.47 -47.72
C PHE B 303 3.56 -9.94 -47.86
N HIS B 304 3.59 -10.44 -49.09
CA HIS B 304 4.02 -11.82 -49.28
C HIS B 304 5.51 -11.89 -48.97
N GLY B 305 5.95 -13.04 -48.46
CA GLY B 305 7.33 -13.24 -48.10
C GLY B 305 8.33 -12.86 -49.17
N ALA B 306 7.94 -13.00 -50.43
CA ALA B 306 8.83 -12.67 -51.54
C ALA B 306 9.05 -11.16 -51.67
N GLN B 307 8.11 -10.38 -51.15
CA GLN B 307 8.26 -8.92 -51.10
C GLN B 307 8.67 -8.50 -49.69
N VAL B 308 9.49 -9.32 -49.05
CA VAL B 308 9.91 -9.03 -47.69
C VAL B 308 10.65 -7.68 -47.68
N GLU B 309 11.41 -7.40 -48.73
CA GLU B 309 12.09 -6.11 -48.83
C GLU B 309 11.07 -4.97 -48.86
N ASP B 310 10.03 -5.11 -49.68
CA ASP B 310 8.98 -4.09 -49.76
C ASP B 310 8.36 -3.86 -48.39
N ALA B 311 8.15 -4.94 -47.65
CA ALA B 311 7.59 -4.85 -46.30
C ALA B 311 8.47 -4.00 -45.40
N PHE B 312 9.78 -4.25 -45.46
CA PHE B 312 10.74 -3.51 -44.65
C PHE B 312 10.76 -2.02 -45.03
N ARG B 313 10.78 -1.75 -46.34
CA ARG B 313 10.81 -0.36 -46.80
C ARG B 313 9.52 0.39 -46.46
N TYR B 314 8.39 -0.31 -46.53
CA TYR B 314 7.11 0.30 -46.19
C TYR B 314 7.04 0.55 -44.69
N MET B 315 7.43 -0.45 -43.91
CA MET B 315 7.47 -0.37 -42.46
C MET B 315 8.35 0.82 -42.06
N ALA B 316 9.47 0.98 -42.75
CA ALA B 316 10.41 2.05 -42.46
C ALA B 316 9.78 3.44 -42.65
N GLN B 317 8.78 3.52 -43.52
CA GLN B 317 8.11 4.79 -43.75
C GLN B 317 7.27 5.21 -42.56
N GLY B 318 6.87 4.24 -41.75
CA GLY B 318 6.14 4.49 -40.52
C GLY B 318 4.87 5.30 -40.71
N LYS B 319 4.27 5.19 -41.90
CA LYS B 319 3.05 5.92 -42.21
C LYS B 319 1.82 5.08 -41.91
N HIS B 320 2.05 3.78 -41.66
CA HIS B 320 0.96 2.83 -41.50
C HIS B 320 0.35 2.90 -40.11
N ILE B 321 -0.86 2.38 -39.98
CA ILE B 321 -1.53 2.22 -38.70
C ILE B 321 -1.70 0.73 -38.41
N GLY B 322 -1.20 0.30 -37.26
CA GLY B 322 -1.27 -1.08 -36.85
C GLY B 322 0.04 -1.82 -37.13
N LYS B 323 -0.06 -3.02 -37.68
CA LYS B 323 1.09 -3.90 -37.84
C LYS B 323 1.41 -4.20 -39.31
N VAL B 324 2.69 -4.29 -39.62
CA VAL B 324 3.13 -4.80 -40.91
C VAL B 324 3.51 -6.26 -40.73
N VAL B 325 2.94 -7.12 -41.56
CA VAL B 325 3.07 -8.57 -41.39
C VAL B 325 3.53 -9.22 -42.69
N VAL B 326 4.47 -10.14 -42.57
CA VAL B 326 4.98 -10.88 -43.71
C VAL B 326 4.33 -12.26 -43.75
N GLN B 327 3.67 -12.58 -44.86
CA GLN B 327 3.05 -13.88 -45.01
C GLN B 327 4.08 -14.89 -45.48
N VAL B 328 4.46 -15.80 -44.59
CA VAL B 328 5.42 -16.86 -44.91
C VAL B 328 4.67 -18.04 -45.49
N LEU B 329 3.46 -18.26 -44.99
CA LEU B 329 2.62 -19.37 -45.42
C LEU B 329 1.16 -19.01 -45.20
N ALA B 330 0.34 -19.14 -46.24
CA ALA B 330 -1.07 -18.79 -46.15
C ALA B 330 -1.81 -19.77 -45.23
N GLU B 331 -2.71 -19.23 -44.40
CA GLU B 331 -3.56 -20.05 -43.56
C GLU B 331 -4.52 -20.88 -44.42
N GLU B 332 -4.70 -22.15 -44.07
CA GLU B 332 -5.56 -23.04 -44.83
C GLU B 332 -7.02 -22.72 -44.57
N HIS C 2 -16.19 26.68 41.53
CA HIS C 2 -16.35 25.52 40.66
C HIS C 2 -17.48 24.63 41.16
N ALA C 3 -18.32 24.17 40.23
CA ALA C 3 -19.39 23.24 40.56
C ALA C 3 -19.49 22.15 39.51
N PHE C 4 -19.92 20.95 39.91
CA PHE C 4 -20.10 19.86 38.97
C PHE C 4 -21.29 18.98 39.36
N VAL C 5 -21.81 18.25 38.37
CA VAL C 5 -22.94 17.37 38.59
C VAL C 5 -22.45 15.99 39.02
N SER C 6 -23.09 15.44 40.04
CA SER C 6 -22.71 14.14 40.58
C SER C 6 -23.88 13.44 41.23
N THR C 7 -23.91 12.11 41.11
CA THR C 7 -24.85 11.31 41.89
C THR C 7 -24.26 11.06 43.26
N LEU C 8 -24.87 11.61 44.29
CA LEU C 8 -24.36 11.47 45.65
C LEU C 8 -24.34 10.01 46.07
N THR C 9 -25.34 9.25 45.61
CA THR C 9 -25.37 7.81 45.79
C THR C 9 -25.25 7.15 44.42
N ARG C 10 -24.24 6.28 44.27
CA ARG C 10 -23.96 5.63 43.00
C ARG C 10 -25.15 4.82 42.49
N GLY C 11 -25.58 5.12 41.27
CA GLY C 11 -26.63 4.37 40.63
C GLY C 11 -28.03 4.88 40.90
N ASP C 12 -28.13 5.94 41.70
CA ASP C 12 -29.43 6.54 42.01
C ASP C 12 -29.54 7.90 41.32
N LEU C 13 -30.32 7.94 40.26
CA LEU C 13 -30.44 9.14 39.44
C LEU C 13 -31.20 10.24 40.18
N SER C 14 -32.01 9.85 41.14
CA SER C 14 -32.77 10.82 41.93
C SER C 14 -31.86 11.60 42.87
N SER C 15 -30.68 11.04 43.16
CA SER C 15 -29.72 11.67 44.06
C SER C 15 -28.77 12.62 43.32
N ILE C 16 -29.00 12.80 42.02
CA ILE C 16 -28.13 13.66 41.23
C ILE C 16 -28.33 15.11 41.64
N ARG C 17 -27.26 15.87 41.66
CA ARG C 17 -27.30 17.26 42.09
C ARG C 17 -25.99 17.95 41.76
N TRP C 18 -25.97 19.28 41.85
CA TRP C 18 -24.75 20.04 41.69
C TRP C 18 -23.97 20.07 43.00
N VAL C 19 -22.65 19.94 42.89
CA VAL C 19 -21.75 19.94 44.05
C VAL C 19 -20.75 21.07 43.92
N CYS C 30 -0.70 25.67 32.97
CA CYS C 30 -0.14 24.59 32.17
C CYS C 30 -0.15 24.93 30.68
N PRO C 31 1.02 24.88 30.02
CA PRO C 31 1.03 25.19 28.58
C PRO C 31 0.26 24.19 27.73
N GLY C 32 0.13 22.96 28.23
CA GLY C 32 -0.54 21.90 27.51
C GLY C 32 -2.03 21.82 27.75
N ALA C 33 -2.58 22.76 28.51
CA ALA C 33 -3.96 22.69 28.96
C ALA C 33 -4.57 24.09 29.05
N GLN C 34 -5.90 24.15 28.97
CA GLN C 34 -6.61 25.41 28.86
C GLN C 34 -7.91 25.39 29.67
N LEU C 35 -8.19 26.49 30.38
CA LEU C 35 -9.40 26.57 31.21
C LEU C 35 -10.55 27.26 30.48
N CYS C 36 -11.65 26.53 30.29
CA CYS C 36 -12.84 27.07 29.62
C CYS C 36 -14.04 27.13 30.56
N THR C 37 -14.85 28.18 30.39
CA THR C 37 -16.11 28.31 31.11
C THR C 37 -17.21 27.59 30.34
N VAL C 38 -17.90 26.68 31.03
CA VAL C 38 -18.95 25.88 30.38
C VAL C 38 -20.30 26.61 30.41
N TYR C 39 -20.85 26.84 29.22
CA TYR C 39 -22.18 27.42 29.08
C TYR C 39 -23.24 26.33 28.86
N TYR C 40 -22.93 25.38 27.98
CA TYR C 40 -23.82 24.27 27.71
C TYR C 40 -23.07 22.94 27.73
N ALA C 41 -23.66 21.95 28.41
CA ALA C 41 -23.12 20.60 28.44
C ALA C 41 -24.17 19.61 27.97
N SER C 42 -23.87 18.87 26.90
N SER C 42 -23.86 18.88 26.90
CA SER C 42 -24.83 17.92 26.36
CA SER C 42 -24.79 17.90 26.35
C SER C 42 -24.74 16.59 27.11
C SER C 42 -24.76 16.62 27.18
N LEU C 43 -25.80 15.82 27.03
CA LEU C 43 -25.85 14.50 27.64
C LEU C 43 -25.62 13.45 26.56
N ASN C 44 -24.88 12.40 26.91
CA ASN C 44 -24.71 11.25 26.03
C ASN C 44 -25.11 9.99 26.78
N PHE C 45 -25.33 8.92 26.04
CA PHE C 45 -25.90 7.71 26.62
C PHE C 45 -25.00 7.19 27.76
N ARG C 46 -23.70 7.39 27.62
CA ARG C 46 -22.74 6.96 28.64
C ARG C 46 -23.04 7.61 29.99
N ASP C 47 -23.40 8.89 29.95
CA ASP C 47 -23.75 9.63 31.15
C ASP C 47 -24.94 8.97 31.85
N ILE C 48 -25.90 8.49 31.06
CA ILE C 48 -27.05 7.80 31.60
C ILE C 48 -26.64 6.48 32.23
N MET C 49 -25.71 5.77 31.56
CA MET C 49 -25.20 4.51 32.07
C MET C 49 -24.45 4.71 33.39
N LEU C 50 -23.66 5.79 33.46
CA LEU C 50 -22.91 6.10 34.68
C LEU C 50 -23.85 6.47 35.81
N ALA C 51 -24.79 7.36 35.52
CA ALA C 51 -25.71 7.89 36.53
C ALA C 51 -26.59 6.79 37.11
N THR C 52 -27.01 5.85 36.27
CA THR C 52 -27.90 4.78 36.72
C THR C 52 -27.11 3.58 37.26
N GLY C 53 -25.79 3.69 37.26
CA GLY C 53 -24.94 2.68 37.88
C GLY C 53 -24.77 1.41 37.07
N LYS C 54 -25.25 1.42 35.82
CA LYS C 54 -25.06 0.29 34.92
C LYS C 54 -23.62 0.24 34.41
N LEU C 55 -22.94 1.38 34.45
CA LEU C 55 -21.54 1.46 34.07
C LEU C 55 -20.69 2.01 35.22
N SER C 56 -19.57 1.33 35.49
CA SER C 56 -18.66 1.78 36.54
C SER C 56 -17.68 2.81 35.99
N PRO C 57 -17.41 3.86 36.77
CA PRO C 57 -16.43 4.87 36.31
C PRO C 57 -15.03 4.28 36.14
N ASP C 58 -14.78 3.15 36.78
CA ASP C 58 -13.50 2.45 36.64
C ASP C 58 -13.30 1.95 35.21
N ALA C 59 -14.39 1.77 34.48
CA ALA C 59 -14.33 1.28 33.10
C ALA C 59 -13.87 2.37 32.13
N ILE C 60 -13.98 3.63 32.53
CA ILE C 60 -13.57 4.73 31.68
C ILE C 60 -12.05 4.94 31.78
N PRO C 61 -11.34 4.89 30.64
CA PRO C 61 -9.89 5.09 30.70
C PRO C 61 -9.51 6.48 31.18
N GLY C 62 -8.29 6.62 31.68
CA GLY C 62 -7.78 7.89 32.18
C GLY C 62 -7.43 7.78 33.64
N LYS C 63 -6.97 8.89 34.22
CA LYS C 63 -6.57 8.92 35.62
C LYS C 63 -7.62 9.68 36.45
N TRP C 64 -8.54 8.92 37.04
CA TRP C 64 -9.61 9.49 37.84
C TRP C 64 -9.48 9.05 39.29
N THR C 65 -10.10 9.81 40.20
CA THR C 65 -10.13 9.47 41.60
C THR C 65 -11.49 8.90 42.00
N SER C 66 -11.56 8.36 43.21
CA SER C 66 -12.82 7.84 43.74
C SER C 66 -13.84 8.96 43.93
N GLN C 67 -13.35 10.18 44.10
CA GLN C 67 -14.22 11.34 44.35
C GLN C 67 -14.67 12.03 43.06
N ASP C 68 -14.01 11.73 41.94
CA ASP C 68 -14.39 12.32 40.66
C ASP C 68 -15.76 11.89 40.16
N SER C 69 -16.46 12.83 39.54
CA SER C 69 -17.65 12.54 38.75
C SER C 69 -17.31 12.67 37.28
N LEU C 70 -17.52 11.61 36.51
CA LEU C 70 -17.10 11.58 35.12
C LEU C 70 -18.19 12.05 34.16
N LEU C 71 -19.34 12.45 34.70
CA LEU C 71 -20.47 12.88 33.87
C LEU C 71 -20.11 14.05 32.96
N GLY C 72 -20.46 13.93 31.68
CA GLY C 72 -20.24 14.99 30.70
C GLY C 72 -19.07 14.71 29.78
N MET C 73 -19.34 14.70 28.47
CA MET C 73 -18.34 14.36 27.45
C MET C 73 -18.09 15.47 26.44
N GLU C 74 -18.96 16.48 26.41
CA GLU C 74 -18.81 17.58 25.46
C GLU C 74 -19.51 18.84 25.96
N PHE C 75 -19.03 19.98 25.49
CA PHE C 75 -19.51 21.26 25.96
C PHE C 75 -19.36 22.34 24.92
N SER C 76 -20.05 23.45 25.14
CA SER C 76 -19.76 24.71 24.44
C SER C 76 -19.66 25.80 25.50
N GLY C 77 -18.88 26.83 25.22
CA GLY C 77 -18.74 27.93 26.16
C GLY C 77 -17.70 28.93 25.69
N ARG C 78 -16.91 29.44 26.61
CA ARG C 78 -15.87 30.40 26.28
C ARG C 78 -14.51 30.01 26.87
N ASP C 79 -13.45 30.28 26.13
CA ASP C 79 -12.10 30.12 26.64
C ASP C 79 -11.78 31.28 27.57
N ALA C 80 -10.52 31.38 27.98
CA ALA C 80 -10.12 32.41 28.93
C ALA C 80 -10.28 33.81 28.35
N SER C 81 -10.12 33.94 27.03
CA SER C 81 -10.22 35.24 26.38
C SER C 81 -11.65 35.60 26.01
N GLY C 82 -12.60 34.71 26.31
CA GLY C 82 -14.00 34.97 26.05
C GLY C 82 -14.47 34.53 24.68
N LYS C 83 -13.56 33.96 23.88
CA LYS C 83 -13.92 33.45 22.56
C LYS C 83 -14.82 32.23 22.68
N ARG C 84 -15.89 32.20 21.90
CA ARG C 84 -16.82 31.08 21.92
C ARG C 84 -16.18 29.82 21.36
N VAL C 85 -16.22 28.74 22.14
CA VAL C 85 -15.63 27.47 21.72
C VAL C 85 -16.56 26.30 22.05
N MET C 86 -16.34 25.18 21.38
CA MET C 86 -16.96 23.91 21.71
C MET C 86 -15.88 22.85 21.79
N GLY C 87 -16.08 21.82 22.59
CA GLY C 87 -15.04 20.83 22.80
C GLY C 87 -15.45 19.46 23.29
N LEU C 88 -14.52 18.53 23.13
CA LEU C 88 -14.61 17.21 23.72
C LEU C 88 -13.82 17.16 25.01
N VAL C 89 -14.35 16.48 26.03
CA VAL C 89 -13.59 16.18 27.23
C VAL C 89 -13.70 14.68 27.47
N PRO C 90 -12.66 14.06 28.06
CA PRO C 90 -12.72 12.62 28.34
C PRO C 90 -13.82 12.31 29.35
N ALA C 91 -14.10 13.30 30.19
CA ALA C 91 -15.12 13.22 31.22
C ALA C 91 -15.23 14.59 31.90
N LYS C 92 -16.14 14.71 32.87
CA LYS C 92 -16.30 15.92 33.69
C LYS C 92 -16.83 17.13 32.91
N GLY C 93 -17.57 16.89 31.84
CA GLY C 93 -18.11 17.98 31.05
C GLY C 93 -19.25 18.69 31.74
N LEU C 94 -19.97 17.98 32.61
CA LEU C 94 -21.12 18.55 33.30
C LEU C 94 -20.64 19.29 34.55
N ALA C 95 -20.10 20.48 34.31
CA ALA C 95 -19.49 21.29 35.36
C ALA C 95 -19.47 22.73 34.89
N THR C 96 -19.10 23.65 35.79
CA THR C 96 -19.08 25.07 35.45
C THR C 96 -17.81 25.46 34.69
N SER C 97 -16.79 24.62 34.76
CA SER C 97 -15.59 24.83 33.96
C SER C 97 -14.93 23.49 33.64
N VAL C 98 -14.16 23.47 32.56
CA VAL C 98 -13.39 22.29 32.19
C VAL C 98 -11.93 22.68 31.95
N LEU C 99 -11.03 21.76 32.29
CA LEU C 99 -9.61 21.90 31.98
C LEU C 99 -9.24 20.84 30.96
N LEU C 100 -8.83 21.27 29.77
CA LEU C 100 -8.60 20.33 28.67
C LEU C 100 -7.53 20.84 27.70
N SER C 101 -6.96 19.91 26.94
CA SER C 101 -6.00 20.24 25.89
C SER C 101 -6.72 20.96 24.74
N PRO C 102 -6.10 22.02 24.20
CA PRO C 102 -6.70 22.76 23.07
C PRO C 102 -6.87 21.90 21.82
N ASP C 103 -6.27 20.71 21.82
CA ASP C 103 -6.42 19.79 20.69
C ASP C 103 -7.87 19.35 20.54
N PHE C 104 -8.66 19.52 21.59
CA PHE C 104 -10.05 19.06 21.60
C PHE C 104 -11.03 20.23 21.60
N LEU C 105 -10.57 21.39 21.16
CA LEU C 105 -11.43 22.57 21.03
C LEU C 105 -11.62 23.00 19.58
N TRP C 106 -12.81 23.47 19.27
CA TRP C 106 -13.09 24.14 18.00
C TRP C 106 -13.71 25.50 18.27
N ASP C 107 -13.44 26.47 17.40
CA ASP C 107 -14.14 27.74 17.44
C ASP C 107 -15.60 27.52 17.07
N VAL C 108 -16.49 28.30 17.68
CA VAL C 108 -17.90 28.24 17.33
C VAL C 108 -18.15 29.29 16.25
N PRO C 109 -18.61 28.86 15.06
CA PRO C 109 -18.89 29.86 14.01
C PRO C 109 -19.95 30.87 14.44
N SER C 110 -19.88 32.08 13.89
CA SER C 110 -20.76 33.19 14.30
C SER C 110 -22.25 32.90 14.13
N ASN C 111 -22.61 32.13 13.10
CA ASN C 111 -24.02 31.85 12.82
C ASN C 111 -24.64 30.82 13.77
N TRP C 112 -23.82 30.21 14.62
CA TRP C 112 -24.32 29.26 15.62
C TRP C 112 -24.58 29.90 16.97
N THR C 113 -25.55 29.36 17.69
CA THR C 113 -25.72 29.67 19.10
C THR C 113 -24.84 28.72 19.91
N LEU C 114 -24.46 29.13 21.11
CA LEU C 114 -23.68 28.26 21.99
C LEU C 114 -24.51 27.03 22.35
N GLU C 115 -25.80 27.26 22.55
CA GLU C 115 -26.76 26.22 22.87
C GLU C 115 -26.66 25.03 21.92
N GLU C 116 -26.69 25.30 20.62
CA GLU C 116 -26.72 24.23 19.62
C GLU C 116 -25.31 23.71 19.30
N ALA C 117 -24.29 24.53 19.53
CA ALA C 117 -22.91 24.12 19.30
C ALA C 117 -22.52 22.94 20.19
N ALA C 118 -23.17 22.84 21.33
CA ALA C 118 -22.89 21.77 22.29
C ALA C 118 -23.29 20.39 21.76
N SER C 119 -24.05 20.36 20.67
CA SER C 119 -24.55 19.11 20.12
C SER C 119 -23.60 18.48 19.07
N VAL C 120 -22.51 19.18 18.76
CA VAL C 120 -21.68 18.83 17.59
C VAL C 120 -20.47 17.92 17.86
N PRO C 121 -19.66 18.24 18.89
CA PRO C 121 -18.36 17.57 19.06
C PRO C 121 -18.37 16.03 19.02
N VAL C 122 -19.20 15.37 19.82
CA VAL C 122 -19.15 13.92 19.92
C VAL C 122 -19.63 13.24 18.63
N VAL C 123 -20.83 13.56 18.18
CA VAL C 123 -21.39 12.82 17.04
C VAL C 123 -20.58 13.02 15.77
N TYR C 124 -20.08 14.24 15.53
CA TYR C 124 -19.34 14.50 14.30
C TYR C 124 -17.89 14.02 14.36
N SER C 125 -17.27 14.10 15.54
CA SER C 125 -15.92 13.56 15.69
C SER C 125 -15.98 12.05 15.51
N THR C 126 -17.00 11.43 16.10
CA THR C 126 -17.17 9.99 16.03
C THR C 126 -17.47 9.57 14.59
N ALA C 127 -18.41 10.25 13.94
CA ALA C 127 -18.80 9.92 12.58
C ALA C 127 -17.61 10.06 11.61
N TYR C 128 -16.90 11.18 11.69
CA TYR C 128 -15.76 11.41 10.80
C TYR C 128 -14.68 10.36 11.02
N TYR C 129 -14.38 10.07 12.28
CA TYR C 129 -13.37 9.07 12.60
C TYR C 129 -13.79 7.70 12.09
N ALA C 130 -15.06 7.36 12.28
CA ALA C 130 -15.55 6.05 11.85
C ALA C 130 -15.58 5.91 10.33
N LEU C 131 -16.15 6.90 9.66
CA LEU C 131 -16.38 6.81 8.22
C LEU C 131 -15.13 7.05 7.38
N VAL C 132 -14.37 8.09 7.72
CA VAL C 132 -13.23 8.51 6.90
C VAL C 132 -11.91 7.88 7.38
N VAL C 133 -11.56 8.09 8.65
CA VAL C 133 -10.27 7.62 9.15
C VAL C 133 -10.21 6.10 9.19
N ARG C 134 -11.26 5.47 9.72
CA ARG C 134 -11.31 4.02 9.84
C ARG C 134 -11.94 3.35 8.61
N GLY C 135 -13.14 3.80 8.24
CA GLY C 135 -13.87 3.21 7.13
C GLY C 135 -13.23 3.51 5.78
N ARG C 136 -12.58 4.66 5.69
CA ARG C 136 -11.97 5.13 4.45
C ARG C 136 -12.97 5.08 3.31
N VAL C 137 -14.17 5.56 3.60
CA VAL C 137 -15.23 5.65 2.60
C VAL C 137 -14.74 6.45 1.40
N ARG C 138 -15.11 6.00 0.20
CA ARG C 138 -14.70 6.66 -1.03
C ARG C 138 -15.94 7.11 -1.80
N PRO C 139 -15.80 8.14 -2.65
CA PRO C 139 -16.94 8.58 -3.47
C PRO C 139 -17.54 7.46 -4.31
N GLY C 140 -18.87 7.38 -4.36
CA GLY C 140 -19.54 6.38 -5.15
C GLY C 140 -19.79 5.08 -4.41
N GLU C 141 -19.26 4.97 -3.19
CA GLU C 141 -19.52 3.81 -2.35
C GLU C 141 -20.88 3.98 -1.68
N THR C 142 -21.44 2.85 -1.23
CA THR C 142 -22.76 2.83 -0.63
C THR C 142 -22.67 2.46 0.84
N LEU C 143 -23.49 3.11 1.66
CA LEU C 143 -23.47 2.93 3.12
C LEU C 143 -24.84 2.57 3.66
N LEU C 144 -24.85 1.69 4.66
CA LEU C 144 -26.06 1.42 5.43
C LEU C 144 -25.88 1.96 6.83
N ILE C 145 -26.62 3.03 7.13
CA ILE C 145 -26.53 3.70 8.43
C ILE C 145 -27.73 3.37 9.28
N HIS C 146 -27.52 2.53 10.29
CA HIS C 146 -28.61 2.16 11.20
C HIS C 146 -28.92 3.29 12.18
N SER C 147 -30.19 3.41 12.55
CA SER C 147 -30.66 4.49 13.41
C SER C 147 -30.25 5.84 12.87
N GLY C 148 -30.71 6.14 11.65
CA GLY C 148 -30.31 7.35 10.96
C GLY C 148 -30.66 8.65 11.68
N SER C 149 -31.70 8.63 12.51
CA SER C 149 -32.12 9.83 13.21
C SER C 149 -31.36 10.02 14.51
N GLY C 150 -30.63 8.98 14.93
CA GLY C 150 -29.76 9.08 16.08
C GLY C 150 -28.66 10.09 15.83
N GLY C 151 -28.01 10.54 16.89
CA GLY C 151 -26.97 11.56 16.79
C GLY C 151 -25.85 11.20 15.81
N VAL C 152 -25.18 10.09 16.05
CA VAL C 152 -24.09 9.67 15.18
C VAL C 152 -24.61 9.38 13.77
N GLY C 153 -25.81 8.80 13.70
CA GLY C 153 -26.45 8.51 12.43
C GLY C 153 -26.65 9.73 11.55
N GLN C 154 -27.18 10.81 12.13
CA GLN C 154 -27.38 12.05 11.39
C GLN C 154 -26.07 12.63 10.88
N ALA C 155 -25.05 12.62 11.74
CA ALA C 155 -23.74 13.12 11.36
C ALA C 155 -23.16 12.26 10.23
N ALA C 156 -23.32 10.96 10.34
CA ALA C 156 -22.81 10.03 9.34
C ALA C 156 -23.48 10.24 7.99
N ILE C 157 -24.80 10.48 7.99
CA ILE C 157 -25.53 10.73 6.75
C ILE C 157 -25.04 12.02 6.08
N ALA C 158 -24.89 13.07 6.87
CA ALA C 158 -24.41 14.35 6.37
C ALA C 158 -23.04 14.19 5.71
N ILE C 159 -22.15 13.46 6.38
CA ILE C 159 -20.80 13.27 5.89
C ILE C 159 -20.80 12.40 4.64
N ALA C 160 -21.57 11.31 4.70
CA ALA C 160 -21.66 10.39 3.58
C ALA C 160 -22.17 11.11 2.33
N LEU C 161 -23.22 11.91 2.50
CA LEU C 161 -23.81 12.63 1.38
C LEU C 161 -22.83 13.67 0.84
N SER C 162 -22.05 14.28 1.73
CA SER C 162 -21.09 15.30 1.33
C SER C 162 -19.98 14.70 0.47
N LEU C 163 -19.75 13.39 0.64
CA LEU C 163 -18.69 12.69 -0.09
C LEU C 163 -19.22 11.99 -1.34
N GLY C 164 -20.46 12.29 -1.71
CA GLY C 164 -21.05 11.72 -2.92
C GLY C 164 -21.33 10.25 -2.78
N CYS C 165 -21.60 9.80 -1.56
CA CYS C 165 -21.95 8.42 -1.31
C CYS C 165 -23.46 8.25 -1.36
N ARG C 166 -23.92 7.06 -1.75
CA ARG C 166 -25.33 6.73 -1.69
C ARG C 166 -25.65 6.17 -0.32
N VAL C 167 -26.72 6.68 0.28
CA VAL C 167 -27.06 6.34 1.66
C VAL C 167 -28.34 5.52 1.77
N PHE C 168 -28.22 4.43 2.53
CA PHE C 168 -29.37 3.68 3.01
C PHE C 168 -29.41 3.81 4.53
N THR C 169 -30.60 3.85 5.11
CA THR C 169 -30.74 3.95 6.56
C THR C 169 -31.96 3.20 7.08
N THR C 170 -31.89 2.81 8.35
CA THR C 170 -33.04 2.26 9.06
C THR C 170 -33.43 3.20 10.20
N VAL C 171 -34.73 3.36 10.41
CA VAL C 171 -35.24 4.24 11.46
C VAL C 171 -36.30 3.53 12.29
N GLY C 172 -36.52 4.04 13.50
CA GLY C 172 -37.44 3.43 14.44
C GLY C 172 -38.90 3.76 14.17
N SER C 173 -39.15 4.85 13.45
CA SER C 173 -40.52 5.29 13.20
C SER C 173 -40.66 6.18 11.97
N ALA C 174 -41.91 6.39 11.55
CA ALA C 174 -42.22 7.25 10.42
C ALA C 174 -41.91 8.70 10.76
N GLU C 175 -42.13 9.07 12.01
CA GLU C 175 -41.81 10.41 12.49
C GLU C 175 -40.33 10.69 12.30
N LYS C 176 -39.50 9.72 12.65
CA LYS C 176 -38.06 9.84 12.48
C LYS C 176 -37.71 9.88 11.00
N ARG C 177 -38.41 9.06 10.22
CA ARG C 177 -38.23 9.03 8.77
C ARG C 177 -38.56 10.37 8.14
N ALA C 178 -39.74 10.90 8.47
CA ALA C 178 -40.19 12.18 7.93
C ALA C 178 -39.18 13.27 8.27
N TYR C 179 -38.67 13.26 9.49
CA TYR C 179 -37.66 14.22 9.89
C TYR C 179 -36.39 14.11 9.05
N LEU C 180 -35.91 12.89 8.86
CA LEU C 180 -34.68 12.69 8.10
C LEU C 180 -34.86 13.12 6.65
N GLN C 181 -36.02 12.79 6.08
CA GLN C 181 -36.31 13.16 4.71
C GLN C 181 -36.34 14.68 4.54
N ALA C 182 -36.83 15.38 5.56
CA ALA C 182 -36.89 16.84 5.54
C ALA C 182 -35.51 17.42 5.81
N ARG C 183 -34.78 16.79 6.73
CA ARG C 183 -33.44 17.22 7.08
C ARG C 183 -32.46 17.02 5.93
N PHE C 184 -32.65 15.94 5.18
CA PHE C 184 -31.78 15.58 4.07
C PHE C 184 -32.57 15.40 2.78
N PRO C 185 -32.83 16.49 2.05
CA PRO C 185 -33.62 16.43 0.82
C PRO C 185 -32.98 15.57 -0.28
N GLN C 186 -31.68 15.31 -0.18
CA GLN C 186 -30.99 14.49 -1.17
C GLN C 186 -31.43 13.03 -1.06
N LEU C 187 -31.85 12.61 0.12
CA LEU C 187 -32.37 11.27 0.31
C LEU C 187 -33.69 11.13 -0.42
N ASP C 188 -34.02 9.91 -0.83
CA ASP C 188 -35.31 9.63 -1.45
C ASP C 188 -35.93 8.41 -0.78
N SER C 189 -37.10 8.01 -1.25
CA SER C 189 -37.85 6.92 -0.65
C SER C 189 -37.05 5.61 -0.58
N THR C 190 -36.15 5.42 -1.54
CA THR C 190 -35.36 4.20 -1.61
C THR C 190 -34.27 4.18 -0.54
N SER C 191 -33.97 5.35 0.02
CA SER C 191 -32.94 5.46 1.04
C SER C 191 -33.36 4.82 2.37
N PHE C 192 -34.68 4.73 2.59
CA PHE C 192 -35.20 4.22 3.85
C PHE C 192 -35.56 2.74 3.69
N ALA C 193 -34.77 1.89 4.34
CA ALA C 193 -34.74 0.47 4.00
C ALA C 193 -35.71 -0.40 4.80
N ASN C 194 -36.24 0.11 5.91
CA ASN C 194 -37.15 -0.70 6.73
C ASN C 194 -38.51 -0.04 6.89
N SER C 195 -38.90 0.72 5.88
CA SER C 195 -40.21 1.35 5.83
C SER C 195 -41.30 0.40 5.34
N ARG C 196 -40.90 -0.82 4.95
CA ARG C 196 -41.80 -1.74 4.28
C ARG C 196 -41.93 -3.08 5.00
N ASP C 197 -42.79 -3.94 4.47
CA ASP C 197 -43.01 -5.27 5.03
C ASP C 197 -41.79 -6.16 4.80
N THR C 198 -41.04 -5.89 3.74
CA THR C 198 -39.84 -6.65 3.43
C THR C 198 -38.65 -6.21 4.28
N SER C 199 -37.83 -7.17 4.66
CA SER C 199 -36.64 -6.94 5.48
C SER C 199 -35.72 -5.87 4.86
N PHE C 200 -34.99 -5.15 5.70
CA PHE C 200 -34.16 -4.06 5.21
C PHE C 200 -33.03 -4.60 4.33
N GLU C 201 -32.53 -5.79 4.65
CA GLU C 201 -31.44 -6.38 3.86
C GLU C 201 -31.89 -6.66 2.43
N GLN C 202 -33.11 -7.15 2.27
CA GLN C 202 -33.66 -7.43 0.94
C GLN C 202 -33.85 -6.12 0.18
N HIS C 203 -34.33 -5.09 0.87
CA HIS C 203 -34.47 -3.78 0.25
C HIS C 203 -33.12 -3.28 -0.26
N VAL C 204 -32.11 -3.36 0.59
CA VAL C 204 -30.78 -2.90 0.24
C VAL C 204 -30.21 -3.70 -0.94
N LEU C 205 -30.40 -5.02 -0.94
CA LEU C 205 -29.87 -5.85 -2.00
C LEU C 205 -30.50 -5.49 -3.34
N TRP C 206 -31.78 -5.13 -3.30
CA TRP C 206 -32.51 -4.80 -4.51
C TRP C 206 -32.05 -3.48 -5.11
N HIS C 207 -31.64 -2.55 -4.26
CA HIS C 207 -31.22 -1.23 -4.70
C HIS C 207 -29.69 -1.11 -4.84
N THR C 208 -28.98 -2.22 -4.67
CA THR C 208 -27.54 -2.26 -4.91
C THR C 208 -27.18 -3.29 -5.98
N GLY C 209 -28.15 -3.63 -6.82
CA GLY C 209 -27.93 -4.59 -7.90
C GLY C 209 -27.61 -5.97 -7.38
N GLY C 210 -28.11 -6.30 -6.19
CA GLY C 210 -27.86 -7.59 -5.57
C GLY C 210 -26.46 -7.71 -5.00
N LYS C 211 -25.72 -6.60 -5.05
CA LYS C 211 -24.32 -6.61 -4.62
C LYS C 211 -24.15 -6.36 -3.12
N GLY C 212 -25.03 -5.54 -2.55
CA GLY C 212 -24.94 -5.16 -1.15
C GLY C 212 -24.18 -3.86 -0.96
N VAL C 213 -24.08 -3.39 0.29
CA VAL C 213 -23.41 -2.12 0.58
C VAL C 213 -21.95 -2.28 0.97
N ASP C 214 -21.18 -1.21 0.76
CA ASP C 214 -19.75 -1.23 1.05
C ASP C 214 -19.45 -1.04 2.53
N LEU C 215 -20.30 -0.27 3.22
CA LEU C 215 -20.11 0.00 4.65
C LEU C 215 -21.42 -0.09 5.44
N VAL C 216 -21.33 -0.59 6.66
CA VAL C 216 -22.46 -0.65 7.58
C VAL C 216 -22.05 0.04 8.89
N LEU C 217 -22.92 0.91 9.39
CA LEU C 217 -22.66 1.62 10.65
C LEU C 217 -23.67 1.22 11.73
N ASN C 218 -23.14 0.74 12.85
CA ASN C 218 -23.92 0.47 14.06
C ASN C 218 -25.02 -0.58 13.92
N SER C 219 -24.64 -1.77 13.45
CA SER C 219 -25.57 -2.89 13.35
C SER C 219 -25.78 -3.60 14.68
N LEU C 220 -24.78 -3.60 15.56
CA LEU C 220 -24.87 -4.33 16.82
C LEU C 220 -25.87 -3.70 17.79
N ALA C 221 -25.82 -2.38 17.92
CA ALA C 221 -26.71 -1.66 18.83
C ALA C 221 -28.17 -1.98 18.53
N GLU C 222 -28.49 -2.14 17.25
CA GLU C 222 -29.85 -2.43 16.83
C GLU C 222 -30.10 -3.93 16.71
N GLU C 223 -29.06 -4.72 16.91
CA GLU C 223 -29.14 -6.19 16.81
C GLU C 223 -29.45 -6.61 15.38
N LYS C 224 -28.73 -6.01 14.43
CA LYS C 224 -28.96 -6.24 13.01
C LYS C 224 -27.69 -6.69 12.30
N LEU C 225 -26.79 -7.32 13.04
CA LEU C 225 -25.50 -7.74 12.49
C LEU C 225 -25.68 -8.80 11.41
N GLN C 226 -26.34 -9.89 11.77
CA GLN C 226 -26.50 -11.03 10.88
C GLN C 226 -27.18 -10.62 9.58
N ALA C 227 -28.27 -9.84 9.69
CA ALA C 227 -29.00 -9.39 8.51
C ALA C 227 -28.16 -8.42 7.68
N SER C 228 -27.35 -7.61 8.35
CA SER C 228 -26.52 -6.61 7.67
C SER C 228 -25.42 -7.26 6.85
N VAL C 229 -24.87 -8.36 7.35
CA VAL C 229 -23.86 -9.10 6.61
C VAL C 229 -24.45 -9.59 5.29
N ARG C 230 -25.72 -9.97 5.32
CA ARG C 230 -26.38 -10.53 4.15
C ARG C 230 -26.56 -9.50 3.03
N CYS C 231 -26.61 -8.21 3.38
CA CYS C 231 -26.67 -7.17 2.36
C CYS C 231 -25.36 -6.40 2.30
N LEU C 232 -24.29 -7.04 2.74
CA LEU C 232 -22.94 -6.47 2.65
C LEU C 232 -22.21 -6.96 1.41
N ALA C 233 -21.57 -6.05 0.70
CA ALA C 233 -20.76 -6.41 -0.45
C ALA C 233 -19.49 -7.12 0.04
N THR C 234 -18.88 -7.90 -0.85
CA THR C 234 -17.61 -8.54 -0.52
C THR C 234 -16.57 -7.47 -0.25
N HIS C 235 -15.76 -7.70 0.78
CA HIS C 235 -14.76 -6.75 1.28
C HIS C 235 -15.43 -5.55 1.94
N GLY C 236 -16.70 -5.69 2.30
CA GLY C 236 -17.40 -4.63 2.99
C GLY C 236 -16.85 -4.45 4.39
N ARG C 237 -17.07 -3.28 4.97
CA ARG C 237 -16.57 -3.00 6.32
C ARG C 237 -17.67 -2.58 7.28
N PHE C 238 -17.62 -3.15 8.48
CA PHE C 238 -18.53 -2.79 9.56
C PHE C 238 -17.90 -1.73 10.45
N LEU C 239 -18.68 -0.70 10.75
CA LEU C 239 -18.28 0.36 11.67
C LEU C 239 -19.21 0.31 12.88
N GLU C 240 -18.66 0.08 14.06
N GLU C 240 -18.66 0.02 14.04
CA GLU C 240 -19.48 -0.09 15.25
CA GLU C 240 -19.45 -0.06 15.26
C GLU C 240 -18.96 0.76 16.41
C GLU C 240 -18.90 0.87 16.32
N ILE C 241 -19.76 1.76 16.80
CA ILE C 241 -19.41 2.64 17.89
C ILE C 241 -19.62 1.90 19.21
N GLY C 242 -18.63 1.94 20.08
CA GLY C 242 -18.73 1.27 21.36
C GLY C 242 -19.91 1.76 22.18
N LYS C 243 -20.66 0.81 22.72
CA LYS C 243 -21.73 1.10 23.67
C LYS C 243 -21.62 0.09 24.81
N PHE C 244 -21.66 0.59 26.04
CA PHE C 244 -21.43 -0.24 27.21
C PHE C 244 -22.59 -1.18 27.52
N ASP C 245 -23.72 -1.01 26.83
CA ASP C 245 -24.87 -1.91 27.01
C ASP C 245 -25.01 -2.91 25.86
N LEU C 246 -23.99 -3.76 25.69
CA LEU C 246 -24.04 -4.86 24.74
C LEU C 246 -24.08 -6.21 25.46
N LEU C 252 -20.89 -15.00 14.83
CA LEU C 252 -20.01 -15.09 13.67
C LEU C 252 -20.47 -16.13 12.66
N GLY C 253 -21.14 -15.68 11.60
CA GLY C 253 -21.48 -16.55 10.50
C GLY C 253 -20.25 -16.77 9.64
N MET C 254 -20.31 -17.74 8.73
CA MET C 254 -19.19 -17.99 7.84
C MET C 254 -19.08 -16.91 6.78
N ALA C 255 -20.16 -16.16 6.60
CA ALA C 255 -20.20 -15.07 5.61
C ALA C 255 -19.16 -14.01 5.92
N ILE C 256 -18.88 -13.82 7.20
CA ILE C 256 -17.87 -12.85 7.65
C ILE C 256 -16.53 -13.10 6.99
N PHE C 257 -16.18 -14.37 6.81
CA PHE C 257 -14.89 -14.75 6.25
C PHE C 257 -14.98 -14.89 4.73
N LEU C 258 -16.05 -15.51 4.25
CA LEU C 258 -16.21 -15.70 2.81
C LEU C 258 -16.30 -14.34 2.09
N LYS C 259 -16.95 -13.37 2.73
CA LYS C 259 -17.06 -12.03 2.17
C LYS C 259 -15.89 -11.15 2.57
N ASN C 260 -14.92 -11.71 3.29
CA ASN C 260 -13.73 -10.97 3.69
C ASN C 260 -14.10 -9.67 4.40
N VAL C 261 -14.95 -9.78 5.42
CA VAL C 261 -15.47 -8.62 6.12
C VAL C 261 -14.41 -8.06 7.05
N THR C 262 -14.40 -6.73 7.19
CA THR C 262 -13.55 -6.05 8.14
C THR C 262 -14.43 -5.32 9.13
N PHE C 263 -14.14 -5.52 10.42
CA PHE C 263 -14.93 -4.94 11.51
C PHE C 263 -14.09 -3.88 12.21
N HIS C 264 -14.68 -2.70 12.42
CA HIS C 264 -13.99 -1.60 13.09
C HIS C 264 -14.70 -1.23 14.38
N GLY C 265 -14.06 -1.53 15.51
CA GLY C 265 -14.54 -1.10 16.80
C GLY C 265 -14.07 0.32 17.05
N VAL C 266 -14.98 1.18 17.48
CA VAL C 266 -14.73 2.62 17.49
C VAL C 266 -15.14 3.28 18.81
N LEU C 267 -14.19 3.99 19.42
CA LEU C 267 -14.46 4.93 20.52
C LEU C 267 -13.38 6.00 20.50
N LEU C 268 -13.70 7.19 21.01
CA LEU C 268 -12.77 8.31 20.98
C LEU C 268 -11.87 8.38 22.22
N ASP C 269 -12.20 7.60 23.24
CA ASP C 269 -11.52 7.67 24.54
C ASP C 269 -10.01 7.60 24.45
N ALA C 270 -9.51 6.71 23.59
CA ALA C 270 -8.08 6.49 23.45
C ALA C 270 -7.33 7.76 23.09
N PHE C 271 -8.00 8.67 22.38
CA PHE C 271 -7.36 9.89 21.90
C PHE C 271 -7.04 10.87 23.02
N PHE C 272 -7.73 10.78 24.14
CA PHE C 272 -7.46 11.65 25.28
C PHE C 272 -6.23 11.19 26.05
N ASN C 273 -5.70 10.04 25.67
CA ASN C 273 -4.62 9.40 26.42
C ASN C 273 -3.44 9.13 25.50
N GLU C 274 -3.26 10.01 24.52
CA GLU C 274 -2.23 9.91 23.50
C GLU C 274 -2.30 11.13 22.58
N SER C 275 -1.24 11.34 21.81
CA SER C 275 -1.14 12.47 20.89
C SER C 275 -1.15 11.97 19.45
N SER C 276 -2.07 11.06 19.16
CA SER C 276 -2.08 10.35 17.88
C SER C 276 -2.28 11.24 16.66
N ALA C 277 -1.66 10.82 15.57
CA ALA C 277 -1.78 11.49 14.28
C ALA C 277 -3.19 11.36 13.75
N ASP C 278 -3.93 10.36 14.22
CA ASP C 278 -5.28 10.14 13.70
C ASP C 278 -6.25 11.10 14.38
N TRP C 279 -5.93 11.58 15.57
CA TRP C 279 -6.85 12.52 16.20
C TRP C 279 -6.79 13.80 15.40
N ARG C 280 -5.58 14.19 15.01
CA ARG C 280 -5.36 15.43 14.30
C ARG C 280 -6.13 15.47 12.98
N GLU C 281 -6.17 14.33 12.29
N GLU C 281 -6.20 14.35 12.26
CA GLU C 281 -6.92 14.19 11.06
CA GLU C 281 -6.95 14.35 11.01
C GLU C 281 -8.41 14.39 11.33
C GLU C 281 -8.46 14.36 11.29
N VAL C 282 -8.88 13.79 12.41
CA VAL C 282 -10.29 13.87 12.79
C VAL C 282 -10.64 15.31 13.17
N TRP C 283 -9.76 15.96 13.92
CA TRP C 283 -9.97 17.35 14.27
C TRP C 283 -10.10 18.19 13.00
N ALA C 284 -9.20 17.92 12.06
CA ALA C 284 -9.16 18.65 10.80
C ALA C 284 -10.38 18.34 9.94
N LEU C 285 -10.85 17.10 10.01
CA LEU C 285 -12.06 16.69 9.29
C LEU C 285 -13.28 17.45 9.82
N VAL C 286 -13.40 17.53 11.14
CA VAL C 286 -14.51 18.24 11.76
C VAL C 286 -14.44 19.73 11.44
N GLN C 287 -13.25 20.31 11.56
CA GLN C 287 -13.05 21.72 11.27
C GLN C 287 -13.40 22.03 9.81
N ALA C 288 -12.96 21.18 8.89
CA ALA C 288 -13.27 21.37 7.48
C ALA C 288 -14.76 21.22 7.25
N GLY C 289 -15.38 20.28 7.97
CA GLY C 289 -16.80 20.05 7.88
C GLY C 289 -17.62 21.23 8.36
N ILE C 290 -17.13 21.92 9.38
CA ILE C 290 -17.80 23.13 9.88
C ILE C 290 -17.72 24.24 8.82
N ARG C 291 -16.54 24.42 8.25
CA ARG C 291 -16.31 25.44 7.25
C ARG C 291 -17.15 25.26 5.99
N ASP C 292 -17.23 24.02 5.51
N ASP C 292 -17.23 24.04 5.47
CA ASP C 292 -17.93 23.69 4.28
CA ASP C 292 -17.96 23.81 4.22
C ASP C 292 -19.44 23.52 4.46
C ASP C 292 -19.45 23.57 4.45
N GLY C 293 -19.90 23.65 5.70
CA GLY C 293 -21.31 23.54 6.00
C GLY C 293 -21.86 22.13 6.07
N VAL C 294 -20.99 21.13 6.03
CA VAL C 294 -21.42 19.74 6.18
C VAL C 294 -21.83 19.50 7.64
N VAL C 295 -21.02 20.00 8.57
CA VAL C 295 -21.31 19.85 9.98
C VAL C 295 -22.40 20.85 10.36
N ARG C 296 -23.57 20.32 10.71
CA ARG C 296 -24.71 21.13 11.11
C ARG C 296 -25.13 20.76 12.53
N PRO C 297 -25.40 21.77 13.38
CA PRO C 297 -25.86 21.44 14.73
C PRO C 297 -27.14 20.61 14.70
N LEU C 298 -27.29 19.73 15.69
CA LEU C 298 -28.50 18.93 15.81
C LEU C 298 -29.62 19.77 16.42
N LYS C 299 -30.82 19.21 16.42
CA LYS C 299 -31.92 19.80 17.16
C LYS C 299 -31.60 19.59 18.64
N CYS C 300 -31.91 20.58 19.46
CA CYS C 300 -31.56 20.54 20.88
C CYS C 300 -32.78 20.70 21.77
N THR C 301 -32.85 19.85 22.79
CA THR C 301 -33.83 20.02 23.86
C THR C 301 -33.06 20.47 25.08
N VAL C 302 -33.36 21.68 25.55
CA VAL C 302 -32.54 22.34 26.55
C VAL C 302 -33.21 22.34 27.92
N PHE C 303 -32.41 22.03 28.94
CA PHE C 303 -32.85 22.09 30.33
C PHE C 303 -31.97 23.05 31.11
N HIS C 304 -32.58 23.78 32.03
CA HIS C 304 -31.81 24.65 32.91
C HIS C 304 -30.96 23.76 33.81
N GLY C 305 -29.76 24.23 34.16
CA GLY C 305 -28.85 23.47 35.01
C GLY C 305 -29.49 22.97 36.30
N ALA C 306 -30.43 23.75 36.83
CA ALA C 306 -31.12 23.39 38.05
C ALA C 306 -32.07 22.21 37.83
N GLN C 307 -32.43 21.98 36.57
CA GLN C 307 -33.28 20.85 36.19
C GLN C 307 -32.46 19.70 35.60
N VAL C 308 -31.24 19.50 36.09
CA VAL C 308 -30.36 18.48 35.55
C VAL C 308 -30.94 17.07 35.69
N GLU C 309 -31.63 16.81 36.80
CA GLU C 309 -32.27 15.51 37.00
C GLU C 309 -33.31 15.24 35.92
N ASP C 310 -34.16 16.23 35.67
CA ASP C 310 -35.17 16.11 34.63
C ASP C 310 -34.53 15.83 33.27
N ALA C 311 -33.42 16.51 32.99
CA ALA C 311 -32.71 16.34 31.74
C ALA C 311 -32.26 14.90 31.55
N PHE C 312 -31.70 14.31 32.60
CA PHE C 312 -31.24 12.92 32.55
C PHE C 312 -32.41 11.95 32.34
N ARG C 313 -33.50 12.15 33.08
CA ARG C 313 -34.66 11.27 32.97
C ARG C 313 -35.30 11.38 31.59
N TYR C 314 -35.27 12.58 31.03
CA TYR C 314 -35.84 12.81 29.70
C TYR C 314 -34.97 12.10 28.68
N MET C 315 -33.66 12.31 28.78
CA MET C 315 -32.70 11.65 27.91
C MET C 315 -32.80 10.13 27.98
N ALA C 316 -32.97 9.61 29.19
CA ALA C 316 -33.02 8.16 29.41
C ALA C 316 -34.19 7.50 28.70
N GLN C 317 -35.26 8.25 28.46
CA GLN C 317 -36.44 7.72 27.78
C GLN C 317 -36.17 7.48 26.30
N GLY C 318 -35.16 8.15 25.76
CA GLY C 318 -34.74 7.95 24.38
C GLY C 318 -35.83 8.17 23.35
N LYS C 319 -36.80 9.01 23.66
CA LYS C 319 -37.91 9.31 22.74
C LYS C 319 -37.63 10.54 21.88
N HIS C 320 -36.60 11.31 22.26
CA HIS C 320 -36.32 12.60 21.64
C HIS C 320 -35.58 12.50 20.30
N ILE C 321 -35.62 13.61 19.56
CA ILE C 321 -34.89 13.76 18.31
C ILE C 321 -33.80 14.83 18.48
N GLY C 322 -32.56 14.45 18.22
CA GLY C 322 -31.43 15.34 18.35
C GLY C 322 -30.67 15.19 19.66
N LYS C 323 -30.33 16.31 20.28
CA LYS C 323 -29.48 16.34 21.47
C LYS C 323 -30.22 16.86 22.70
N VAL C 324 -29.91 16.30 23.86
CA VAL C 324 -30.36 16.84 25.13
C VAL C 324 -29.22 17.65 25.73
N VAL C 325 -29.51 18.89 26.08
CA VAL C 325 -28.47 19.84 26.50
C VAL C 325 -28.83 20.50 27.82
N VAL C 326 -27.85 20.59 28.72
CA VAL C 326 -28.02 21.26 30.00
C VAL C 326 -27.39 22.65 29.95
N GLN C 327 -28.17 23.67 30.27
CA GLN C 327 -27.64 25.02 30.34
C GLN C 327 -27.00 25.25 31.70
N VAL C 328 -25.67 25.33 31.72
CA VAL C 328 -24.91 25.58 32.95
C VAL C 328 -24.82 27.08 33.17
N LEU C 329 -24.74 27.82 32.07
CA LEU C 329 -24.67 29.28 32.11
C LEU C 329 -25.26 29.82 30.81
N ALA C 330 -26.22 30.72 30.93
CA ALA C 330 -26.89 31.26 29.77
C ALA C 330 -25.93 32.11 28.93
N GLU C 331 -26.02 31.97 27.61
CA GLU C 331 -25.24 32.80 26.71
C GLU C 331 -25.69 34.25 26.86
N GLU C 332 -24.75 35.17 26.78
CA GLU C 332 -25.07 36.58 26.99
C GLU C 332 -25.85 37.13 25.80
N PRO C 333 -26.78 38.08 26.05
CA PRO C 333 -27.49 38.70 24.93
C PRO C 333 -26.58 39.47 23.99
N HIS D 2 -9.52 -40.07 -16.34
CA HIS D 2 -9.68 -39.13 -15.24
C HIS D 2 -10.27 -39.81 -14.01
N ALA D 3 -9.69 -39.53 -12.85
CA ALA D 3 -10.20 -40.02 -11.58
C ALA D 3 -10.14 -38.91 -10.54
N PHE D 4 -11.06 -38.94 -9.59
CA PHE D 4 -11.09 -37.97 -8.50
C PHE D 4 -11.58 -38.62 -7.21
N VAL D 5 -11.26 -37.99 -6.08
CA VAL D 5 -11.63 -38.51 -4.78
C VAL D 5 -13.02 -38.03 -4.40
N SER D 6 -13.86 -38.94 -3.92
CA SER D 6 -15.23 -38.61 -3.53
C SER D 6 -15.79 -39.55 -2.47
N THR D 7 -16.62 -39.00 -1.60
CA THR D 7 -17.37 -39.80 -0.63
C THR D 7 -18.64 -40.37 -1.26
N LEU D 8 -18.72 -41.69 -1.32
CA LEU D 8 -19.87 -42.37 -1.93
C LEU D 8 -21.16 -42.00 -1.21
N THR D 9 -21.05 -41.83 0.10
CA THR D 9 -22.15 -41.33 0.92
C THR D 9 -21.79 -39.94 1.44
N ARG D 10 -22.63 -38.96 1.15
CA ARG D 10 -22.36 -37.57 1.52
C ARG D 10 -22.16 -37.40 3.02
N GLY D 11 -21.01 -36.87 3.40
CA GLY D 11 -20.72 -36.55 4.79
C GLY D 11 -20.14 -37.72 5.54
N ASP D 12 -19.96 -38.84 4.84
CA ASP D 12 -19.43 -40.07 5.45
C ASP D 12 -18.02 -40.36 4.93
N LEU D 13 -17.03 -40.14 5.79
CA LEU D 13 -15.63 -40.27 5.42
C LEU D 13 -15.23 -41.73 5.16
N SER D 14 -15.99 -42.67 5.73
CA SER D 14 -15.69 -44.07 5.55
C SER D 14 -15.97 -44.52 4.11
N SER D 15 -16.83 -43.77 3.42
CA SER D 15 -17.20 -44.07 2.04
C SER D 15 -16.31 -43.39 1.00
N ILE D 16 -15.25 -42.72 1.45
CA ILE D 16 -14.38 -42.01 0.52
C ILE D 16 -13.61 -43.01 -0.34
N ARG D 17 -13.43 -42.65 -1.60
CA ARG D 17 -12.78 -43.53 -2.58
C ARG D 17 -12.48 -42.78 -3.86
N TRP D 18 -11.68 -43.39 -4.73
CA TRP D 18 -11.45 -42.85 -6.07
C TRP D 18 -12.55 -43.29 -7.02
N VAL D 19 -12.99 -42.37 -7.88
CA VAL D 19 -14.01 -42.64 -8.87
C VAL D 19 -13.47 -42.35 -10.26
N CYS D 20 -13.39 -43.39 -11.10
CA CYS D 20 -12.84 -43.25 -12.43
C CYS D 20 -13.88 -42.80 -13.45
N CYS D 30 -10.62 -23.24 -24.10
CA CYS D 30 -11.04 -22.05 -23.36
C CYS D 30 -9.83 -21.25 -22.90
N PRO D 31 -9.78 -19.94 -23.24
CA PRO D 31 -8.64 -19.14 -22.78
C PRO D 31 -8.60 -19.01 -21.26
N GLY D 32 -9.76 -19.20 -20.62
CA GLY D 32 -9.88 -19.01 -19.19
C GLY D 32 -9.54 -20.25 -18.37
N ALA D 33 -9.07 -21.31 -19.03
CA ALA D 33 -8.84 -22.58 -18.35
C ALA D 33 -7.65 -23.35 -18.93
N GLN D 34 -7.05 -24.17 -18.07
CA GLN D 34 -5.83 -24.89 -18.40
C GLN D 34 -5.86 -26.28 -17.76
N LEU D 35 -5.48 -27.31 -18.51
CA LEU D 35 -5.46 -28.67 -17.98
C LEU D 35 -4.08 -29.07 -17.48
N CYS D 36 -3.98 -29.38 -16.19
CA CYS D 36 -2.73 -29.80 -15.57
C CYS D 36 -2.82 -31.24 -15.04
N THR D 37 -1.72 -31.98 -15.16
CA THR D 37 -1.62 -33.30 -14.57
C THR D 37 -1.19 -33.19 -13.10
N VAL D 38 -1.97 -33.77 -12.21
CA VAL D 38 -1.71 -33.69 -10.77
C VAL D 38 -0.73 -34.77 -10.34
N TYR D 39 0.39 -34.35 -9.77
CA TYR D 39 1.37 -35.27 -9.19
C TYR D 39 1.16 -35.36 -7.68
N TYR D 40 0.98 -34.20 -7.05
CA TYR D 40 0.71 -34.14 -5.61
C TYR D 40 -0.47 -33.22 -5.31
N ALA D 41 -1.37 -33.70 -4.46
CA ALA D 41 -2.50 -32.91 -4.00
C ALA D 41 -2.49 -32.86 -2.48
N SER D 42 -2.40 -31.67 -1.92
N SER D 42 -2.40 -31.66 -1.93
CA SER D 42 -2.34 -31.53 -0.46
CA SER D 42 -2.36 -31.47 -0.48
C SER D 42 -3.74 -31.48 0.15
C SER D 42 -3.75 -31.49 0.14
N LEU D 43 -3.81 -31.78 1.44
CA LEU D 43 -5.06 -31.72 2.18
C LEU D 43 -5.12 -30.43 3.01
N ASN D 44 -6.31 -29.84 3.11
CA ASN D 44 -6.53 -28.69 3.98
C ASN D 44 -7.73 -28.96 4.89
N PHE D 45 -7.87 -28.17 5.94
CA PHE D 45 -8.89 -28.43 6.96
C PHE D 45 -10.29 -28.49 6.35
N ARG D 46 -10.53 -27.66 5.34
CA ARG D 46 -11.83 -27.62 4.67
C ARG D 46 -12.19 -28.99 4.07
N ASP D 47 -11.20 -29.67 3.51
CA ASP D 47 -11.41 -30.99 2.94
C ASP D 47 -11.95 -31.96 3.99
N ILE D 48 -11.41 -31.85 5.20
CA ILE D 48 -11.85 -32.72 6.30
C ILE D 48 -13.30 -32.41 6.68
N MET D 49 -13.64 -31.13 6.73
CA MET D 49 -14.99 -30.69 7.07
C MET D 49 -16.00 -31.17 6.04
N LEU D 50 -15.63 -31.11 4.76
CA LEU D 50 -16.51 -31.56 3.68
C LEU D 50 -16.71 -33.06 3.75
N ALA D 51 -15.61 -33.80 3.88
CA ALA D 51 -15.63 -35.26 3.86
C ALA D 51 -16.41 -35.83 5.05
N THR D 52 -16.27 -35.20 6.21
CA THR D 52 -16.92 -35.66 7.43
C THR D 52 -18.31 -35.06 7.62
N GLY D 53 -18.74 -34.24 6.67
CA GLY D 53 -20.10 -33.72 6.67
C GLY D 53 -20.35 -32.60 7.66
N LYS D 54 -19.29 -32.10 8.29
CA LYS D 54 -19.42 -30.96 9.17
C LYS D 54 -19.62 -29.68 8.35
N LEU D 55 -19.18 -29.74 7.10
CA LEU D 55 -19.36 -28.64 6.15
C LEU D 55 -20.10 -29.15 4.92
N SER D 56 -21.14 -28.42 4.52
CA SER D 56 -21.90 -28.78 3.32
C SER D 56 -21.26 -28.18 2.08
N PRO D 57 -21.18 -28.93 0.98
CA PRO D 57 -20.58 -28.37 -0.24
C PRO D 57 -21.34 -27.16 -0.76
N ASP D 58 -22.60 -27.01 -0.38
CA ASP D 58 -23.38 -25.84 -0.77
C ASP D 58 -22.79 -24.57 -0.15
N ALA D 59 -22.05 -24.74 0.94
CA ALA D 59 -21.46 -23.62 1.65
C ALA D 59 -20.26 -23.07 0.89
N ILE D 60 -19.70 -23.87 -0.01
CA ILE D 60 -18.55 -23.44 -0.80
C ILE D 60 -19.00 -22.58 -1.99
N PRO D 61 -18.43 -21.36 -2.13
CA PRO D 61 -18.83 -20.52 -3.25
C PRO D 61 -18.47 -21.12 -4.60
N GLY D 62 -19.17 -20.69 -5.65
CA GLY D 62 -18.94 -21.17 -7.00
C GLY D 62 -20.17 -21.85 -7.55
N LYS D 63 -20.08 -22.33 -8.79
CA LYS D 63 -21.18 -23.02 -9.45
C LYS D 63 -20.88 -24.51 -9.54
N TRP D 64 -21.39 -25.25 -8.55
CA TRP D 64 -21.19 -26.69 -8.48
C TRP D 64 -22.52 -27.43 -8.64
N THR D 65 -22.44 -28.71 -9.01
CA THR D 65 -23.61 -29.58 -9.07
C THR D 65 -23.55 -30.56 -7.91
N SER D 66 -24.64 -31.29 -7.70
CA SER D 66 -24.72 -32.29 -6.64
C SER D 66 -23.73 -33.44 -6.83
N GLN D 67 -23.32 -33.68 -8.07
CA GLN D 67 -22.42 -34.79 -8.38
C GLN D 67 -20.94 -34.41 -8.28
N ASP D 68 -20.66 -33.12 -8.21
CA ASP D 68 -19.28 -32.65 -8.06
C ASP D 68 -18.71 -33.09 -6.71
N SER D 69 -17.43 -33.44 -6.72
CA SER D 69 -16.68 -33.60 -5.47
C SER D 69 -15.76 -32.40 -5.35
N LEU D 70 -15.90 -31.66 -4.25
CA LEU D 70 -15.18 -30.40 -4.09
C LEU D 70 -13.83 -30.57 -3.38
N LEU D 71 -13.50 -31.80 -3.02
CA LEU D 71 -12.27 -32.08 -2.28
C LEU D 71 -11.01 -31.63 -3.03
N GLY D 72 -10.11 -30.93 -2.33
CA GLY D 72 -8.83 -30.53 -2.90
C GLY D 72 -8.76 -29.07 -3.29
N MET D 73 -7.78 -28.35 -2.73
CA MET D 73 -7.66 -26.90 -2.94
C MET D 73 -6.33 -26.48 -3.57
N GLU D 74 -5.36 -27.40 -3.62
CA GLU D 74 -4.06 -27.06 -4.20
C GLU D 74 -3.33 -28.31 -4.65
N PHE D 75 -2.43 -28.14 -5.59
CA PHE D 75 -1.72 -29.26 -6.19
C PHE D 75 -0.37 -28.82 -6.71
N SER D 76 0.48 -29.80 -7.02
CA SER D 76 1.66 -29.58 -7.83
C SER D 76 1.68 -30.64 -8.93
N GLY D 77 2.27 -30.30 -10.07
CA GLY D 77 2.35 -31.24 -11.16
C GLY D 77 2.94 -30.61 -12.41
N ARG D 78 2.39 -30.99 -13.56
CA ARG D 78 2.84 -30.45 -14.84
C ARG D 78 1.66 -29.92 -15.67
N ASP D 79 1.91 -28.84 -16.39
CA ASP D 79 0.92 -28.32 -17.34
C ASP D 79 0.95 -29.17 -18.61
N ALA D 80 0.24 -28.71 -19.64
CA ALA D 80 0.13 -29.46 -20.88
C ALA D 80 1.49 -29.63 -21.56
N SER D 81 2.37 -28.66 -21.39
CA SER D 81 3.68 -28.70 -22.02
C SER D 81 4.71 -29.46 -21.18
N GLY D 82 4.29 -29.95 -20.02
CA GLY D 82 5.16 -30.75 -19.16
C GLY D 82 5.96 -29.91 -18.18
N LYS D 83 5.79 -28.60 -18.23
CA LYS D 83 6.48 -27.70 -17.31
C LYS D 83 5.94 -27.90 -15.90
N ARG D 84 6.84 -28.02 -14.93
CA ARG D 84 6.46 -28.23 -13.54
C ARG D 84 5.76 -27.00 -12.98
N VAL D 85 4.55 -27.20 -12.44
CA VAL D 85 3.78 -26.10 -11.87
C VAL D 85 3.13 -26.47 -10.53
N MET D 86 2.77 -25.44 -9.77
CA MET D 86 1.94 -25.60 -8.58
C MET D 86 0.79 -24.59 -8.68
N GLY D 87 -0.35 -24.91 -8.07
CA GLY D 87 -1.49 -24.03 -8.21
C GLY D 87 -2.55 -24.11 -7.13
N LEU D 88 -3.34 -23.04 -7.07
CA LEU D 88 -4.52 -22.97 -6.24
C LEU D 88 -5.74 -23.29 -7.10
N VAL D 89 -6.66 -24.09 -6.57
CA VAL D 89 -7.94 -24.31 -7.22
C VAL D 89 -9.09 -24.04 -6.26
N PRO D 90 -10.23 -23.58 -6.76
CA PRO D 90 -11.39 -23.32 -5.90
C PRO D 90 -11.88 -24.61 -5.26
N ALA D 91 -11.68 -25.71 -5.97
CA ALA D 91 -12.08 -27.04 -5.53
C ALA D 91 -11.58 -28.09 -6.52
N LYS D 92 -11.83 -29.37 -6.23
CA LYS D 92 -11.53 -30.48 -7.13
C LYS D 92 -10.03 -30.73 -7.35
N GLY D 93 -9.22 -30.35 -6.38
CA GLY D 93 -7.78 -30.54 -6.47
C GLY D 93 -7.35 -31.99 -6.30
N LEU D 94 -8.16 -32.77 -5.59
CA LEU D 94 -7.86 -34.17 -5.33
C LEU D 94 -8.32 -35.03 -6.49
N ALA D 95 -7.54 -35.00 -7.56
CA ALA D 95 -7.88 -35.70 -8.79
C ALA D 95 -6.60 -35.95 -9.58
N THR D 96 -6.70 -36.69 -10.68
CA THR D 96 -5.53 -36.98 -11.49
C THR D 96 -5.21 -35.82 -12.40
N SER D 97 -6.20 -34.96 -12.63
CA SER D 97 -5.99 -33.74 -13.39
C SER D 97 -6.94 -32.66 -12.90
N VAL D 98 -6.56 -31.40 -13.10
CA VAL D 98 -7.39 -30.27 -12.75
C VAL D 98 -7.54 -29.33 -13.93
N LEU D 99 -8.71 -28.72 -14.03
CA LEU D 99 -8.96 -27.68 -15.02
C LEU D 99 -9.10 -26.38 -14.25
N LEU D 100 -8.20 -25.44 -14.52
CA LEU D 100 -8.11 -24.22 -13.73
C LEU D 100 -7.60 -23.03 -14.53
N SER D 101 -7.86 -21.83 -14.00
CA SER D 101 -7.40 -20.61 -14.63
C SER D 101 -5.89 -20.46 -14.53
N PRO D 102 -5.24 -20.00 -15.61
CA PRO D 102 -3.77 -19.81 -15.54
C PRO D 102 -3.36 -18.74 -14.53
N ASP D 103 -4.31 -17.95 -14.06
CA ASP D 103 -4.02 -16.93 -13.04
C ASP D 103 -3.63 -17.55 -11.69
N PHE D 104 -3.97 -18.82 -11.49
CA PHE D 104 -3.73 -19.48 -10.21
C PHE D 104 -2.62 -20.51 -10.28
N LEU D 105 -1.71 -20.35 -11.24
CA LEU D 105 -0.53 -21.21 -11.36
C LEU D 105 0.75 -20.45 -11.08
N TRP D 106 1.71 -21.15 -10.46
CA TRP D 106 3.07 -20.67 -10.30
C TRP D 106 4.03 -21.67 -10.89
N ASP D 107 5.13 -21.18 -11.44
CA ASP D 107 6.24 -22.05 -11.81
C ASP D 107 6.88 -22.61 -10.55
N VAL D 108 7.35 -23.84 -10.62
CA VAL D 108 8.06 -24.46 -9.50
C VAL D 108 9.55 -24.20 -9.66
N PRO D 109 10.19 -23.56 -8.66
CA PRO D 109 11.63 -23.33 -8.77
C PRO D 109 12.41 -24.63 -8.97
N SER D 110 13.52 -24.56 -9.69
CA SER D 110 14.30 -25.75 -10.03
C SER D 110 14.77 -26.49 -8.79
N ASN D 111 15.09 -25.76 -7.73
CA ASN D 111 15.62 -26.35 -6.50
C ASN D 111 14.55 -27.01 -5.62
N TRP D 112 13.28 -26.86 -5.99
CA TRP D 112 12.20 -27.52 -5.26
C TRP D 112 11.81 -28.85 -5.90
N THR D 113 11.35 -29.79 -5.07
CA THR D 113 10.70 -31.01 -5.55
C THR D 113 9.20 -30.73 -5.73
N LEU D 114 8.55 -31.53 -6.57
CA LEU D 114 7.10 -31.38 -6.76
C LEU D 114 6.36 -31.68 -5.46
N GLU D 115 6.87 -32.67 -4.73
CA GLU D 115 6.28 -33.06 -3.44
C GLU D 115 6.10 -31.85 -2.52
N GLU D 116 7.16 -31.07 -2.34
CA GLU D 116 7.14 -29.96 -1.38
C GLU D 116 6.50 -28.70 -1.97
N ALA D 117 6.50 -28.58 -3.29
CA ALA D 117 5.87 -27.44 -3.93
C ALA D 117 4.37 -27.44 -3.65
N ALA D 118 3.81 -28.63 -3.46
CA ALA D 118 2.38 -28.78 -3.19
C ALA D 118 1.98 -28.21 -1.83
N SER D 119 2.97 -27.88 -1.00
CA SER D 119 2.70 -27.37 0.35
C SER D 119 2.62 -25.83 0.39
N VAL D 120 2.85 -25.18 -0.75
CA VAL D 120 3.07 -23.74 -0.75
C VAL D 120 1.83 -22.88 -1.04
N PRO D 121 1.09 -23.19 -2.11
CA PRO D 121 0.05 -22.26 -2.60
C PRO D 121 -0.94 -21.72 -1.55
N VAL D 122 -1.59 -22.60 -0.78
CA VAL D 122 -2.63 -22.14 0.13
C VAL D 122 -2.07 -21.31 1.28
N VAL D 123 -1.11 -21.86 2.01
CA VAL D 123 -0.62 -21.20 3.22
C VAL D 123 0.06 -19.87 2.93
N TYR D 124 0.82 -19.78 1.85
CA TYR D 124 1.52 -18.54 1.53
C TYR D 124 0.61 -17.50 0.87
N SER D 125 -0.34 -17.95 0.07
CA SER D 125 -1.33 -17.03 -0.50
C SER D 125 -2.17 -16.44 0.62
N THR D 126 -2.55 -17.29 1.56
CA THR D 126 -3.36 -16.87 2.70
C THR D 126 -2.58 -15.90 3.59
N ALA D 127 -1.35 -16.28 3.91
CA ALA D 127 -0.50 -15.47 4.78
C ALA D 127 -0.23 -14.10 4.17
N TYR D 128 0.15 -14.07 2.89
CA TYR D 128 0.44 -12.81 2.22
C TYR D 128 -0.79 -11.91 2.15
N TYR D 129 -1.93 -12.49 1.80
CA TYR D 129 -3.16 -11.72 1.72
C TYR D 129 -3.53 -11.18 3.11
N ALA D 130 -3.40 -12.02 4.13
CA ALA D 130 -3.76 -11.64 5.48
C ALA D 130 -2.83 -10.57 6.06
N LEU D 131 -1.53 -10.79 5.96
N LEU D 131 -1.53 -10.79 5.96
CA LEU D 131 -0.54 -9.91 6.59
CA LEU D 131 -0.54 -9.91 6.59
C LEU D 131 -0.32 -8.62 5.81
C LEU D 131 -0.30 -8.62 5.81
N VAL D 132 -0.20 -8.72 4.50
CA VAL D 132 0.15 -7.57 3.66
C VAL D 132 -1.07 -6.82 3.13
N VAL D 133 -1.96 -7.51 2.41
CA VAL D 133 -3.09 -6.84 1.80
C VAL D 133 -4.07 -6.31 2.85
N ARG D 134 -4.42 -7.16 3.82
CA ARG D 134 -5.38 -6.79 4.86
C ARG D 134 -4.69 -6.16 6.07
N GLY D 135 -3.68 -6.85 6.59
CA GLY D 135 -2.97 -6.38 7.77
C GLY D 135 -2.12 -5.16 7.53
N ARG D 136 -1.61 -5.02 6.31
CA ARG D 136 -0.73 -3.91 5.95
C ARG D 136 0.43 -3.78 6.94
N VAL D 137 1.03 -4.90 7.29
CA VAL D 137 2.18 -4.93 8.19
C VAL D 137 3.33 -4.08 7.68
N ARG D 138 3.98 -3.36 8.60
N ARG D 138 4.02 -3.42 8.60
CA ARG D 138 5.14 -2.53 8.27
CA ARG D 138 5.15 -2.55 8.26
C ARG D 138 6.34 -2.93 9.13
C ARG D 138 6.34 -2.90 9.14
N PRO D 139 7.56 -2.66 8.63
CA PRO D 139 8.77 -2.94 9.43
C PRO D 139 8.75 -2.24 10.78
N GLY D 140 9.15 -2.96 11.82
CA GLY D 140 9.16 -2.42 13.16
C GLY D 140 7.86 -2.63 13.91
N GLU D 141 6.85 -3.16 13.22
CA GLU D 141 5.61 -3.54 13.90
C GLU D 141 5.78 -4.92 14.52
N THR D 142 4.96 -5.22 15.53
CA THR D 142 5.07 -6.48 16.26
C THR D 142 3.83 -7.33 16.03
N LEU D 143 4.05 -8.64 15.89
CA LEU D 143 2.97 -9.58 15.58
C LEU D 143 2.91 -10.73 16.57
N LEU D 144 1.69 -11.13 16.89
CA LEU D 144 1.44 -12.34 17.66
C LEU D 144 0.81 -13.40 16.75
N ILE D 145 1.57 -14.43 16.43
CA ILE D 145 1.12 -15.49 15.52
C ILE D 145 0.78 -16.74 16.32
N HIS D 146 -0.51 -17.02 16.49
CA HIS D 146 -0.92 -18.20 17.23
C HIS D 146 -0.73 -19.46 16.38
N SER D 147 -0.39 -20.57 17.04
CA SER D 147 -0.09 -21.83 16.36
C SER D 147 0.97 -21.64 15.28
N GLY D 148 2.15 -21.21 15.71
CA GLY D 148 3.24 -20.88 14.81
C GLY D 148 3.74 -22.01 13.93
N SER D 149 3.56 -23.26 14.37
CA SER D 149 4.07 -24.41 13.61
C SER D 149 3.06 -24.88 12.58
N GLY D 150 1.84 -24.37 12.65
CA GLY D 150 0.83 -24.66 11.65
C GLY D 150 1.23 -24.10 10.29
N GLY D 151 0.57 -24.61 9.24
CA GLY D 151 0.91 -24.21 7.89
C GLY D 151 0.89 -22.71 7.68
N VAL D 152 -0.26 -22.09 7.95
CA VAL D 152 -0.39 -20.65 7.81
C VAL D 152 0.53 -19.92 8.79
N GLY D 153 0.65 -20.46 9.99
CA GLY D 153 1.52 -19.88 11.00
C GLY D 153 2.97 -19.78 10.53
N GLN D 154 3.50 -20.86 10.00
CA GLN D 154 4.87 -20.90 9.48
C GLN D 154 5.05 -19.90 8.34
N ALA D 155 4.08 -19.84 7.44
CA ALA D 155 4.14 -18.91 6.32
C ALA D 155 4.14 -17.47 6.85
N ALA D 156 3.29 -17.22 7.85
CA ALA D 156 3.18 -15.87 8.43
C ALA D 156 4.48 -15.46 9.14
N ILE D 157 5.11 -16.39 9.85
CA ILE D 157 6.37 -16.11 10.52
C ILE D 157 7.44 -15.76 9.48
N ALA D 158 7.53 -16.57 8.43
CA ALA D 158 8.50 -16.33 7.37
C ALA D 158 8.31 -14.93 6.77
N ILE D 159 7.06 -14.59 6.48
CA ILE D 159 6.76 -13.31 5.85
C ILE D 159 7.03 -12.16 6.80
N ALA D 160 6.60 -12.31 8.04
CA ALA D 160 6.78 -11.27 9.06
C ALA D 160 8.26 -10.95 9.27
N LEU D 161 9.09 -11.99 9.32
CA LEU D 161 10.53 -11.80 9.52
C LEU D 161 11.15 -11.12 8.32
N SER D 162 10.67 -11.45 7.13
CA SER D 162 11.21 -10.88 5.89
C SER D 162 10.93 -9.39 5.80
N LEU D 163 9.89 -8.94 6.49
CA LEU D 163 9.49 -7.53 6.46
C LEU D 163 10.04 -6.77 7.67
N GLY D 164 10.95 -7.40 8.40
CA GLY D 164 11.60 -6.77 9.53
C GLY D 164 10.71 -6.56 10.73
N CYS D 165 9.71 -7.44 10.88
CA CYS D 165 8.81 -7.37 12.03
C CYS D 165 9.32 -8.24 13.17
N ARG D 166 8.97 -7.86 14.39
CA ARG D 166 9.26 -8.69 15.55
C ARG D 166 8.13 -9.69 15.73
N VAL D 167 8.49 -10.96 15.93
CA VAL D 167 7.51 -12.03 15.96
C VAL D 167 7.38 -12.63 17.36
N PHE D 168 6.13 -12.74 17.82
CA PHE D 168 5.77 -13.54 18.97
C PHE D 168 4.88 -14.66 18.48
N THR D 169 4.99 -15.83 19.08
CA THR D 169 4.17 -16.97 18.68
C THR D 169 3.83 -17.85 19.86
N THR D 170 2.72 -18.58 19.73
CA THR D 170 2.35 -19.61 20.70
C THR D 170 2.37 -20.97 19.98
N VAL D 171 2.84 -21.99 20.68
CA VAL D 171 2.96 -23.32 20.10
C VAL D 171 2.32 -24.37 20.99
N GLY D 172 1.98 -25.51 20.40
CA GLY D 172 1.28 -26.57 21.12
C GLY D 172 2.19 -27.44 21.98
N SER D 173 3.47 -27.46 21.66
CA SER D 173 4.41 -28.31 22.38
C SER D 173 5.85 -27.82 22.26
N ALA D 174 6.73 -28.39 23.09
CA ALA D 174 8.14 -28.05 23.06
C ALA D 174 8.77 -28.54 21.77
N GLU D 175 8.29 -29.68 21.27
CA GLU D 175 8.75 -30.22 20.00
C GLU D 175 8.49 -29.22 18.89
N LYS D 176 7.30 -28.63 18.90
CA LYS D 176 6.95 -27.61 17.91
C LYS D 176 7.80 -26.36 18.11
N ARG D 177 8.03 -26.00 19.36
CA ARG D 177 8.88 -24.85 19.66
C ARG D 177 10.29 -25.08 19.10
N ALA D 178 10.84 -26.25 19.42
CA ALA D 178 12.18 -26.62 18.99
C ALA D 178 12.29 -26.60 17.46
N TYR D 179 11.24 -27.09 16.79
CA TYR D 179 11.21 -27.07 15.34
C TYR D 179 11.26 -25.64 14.80
N LEU D 180 10.44 -24.76 15.37
CA LEU D 180 10.35 -23.37 14.90
C LEU D 180 11.65 -22.63 15.13
N GLN D 181 12.26 -22.83 16.30
CA GLN D 181 13.52 -22.19 16.64
C GLN D 181 14.60 -22.61 15.65
N ALA D 182 14.56 -23.87 15.25
CA ALA D 182 15.55 -24.40 14.31
C ALA D 182 15.26 -23.95 12.87
N ARG D 183 13.99 -23.96 12.48
CA ARG D 183 13.63 -23.53 11.13
C ARG D 183 13.83 -22.03 10.96
N PHE D 184 13.59 -21.27 12.03
CA PHE D 184 13.73 -19.81 12.01
C PHE D 184 14.74 -19.35 13.05
N PRO D 185 16.03 -19.35 12.68
CA PRO D 185 17.10 -18.95 13.61
C PRO D 185 16.99 -17.50 14.09
N GLN D 186 16.26 -16.68 13.36
CA GLN D 186 16.08 -15.27 13.73
C GLN D 186 15.24 -15.13 14.99
N LEU D 187 14.39 -16.12 15.25
CA LEU D 187 13.60 -16.13 16.48
C LEU D 187 14.54 -16.37 17.66
N ASP D 188 14.16 -15.87 18.82
CA ASP D 188 14.89 -16.13 20.05
C ASP D 188 13.92 -16.60 21.11
N SER D 189 14.44 -16.84 22.31
CA SER D 189 13.64 -17.39 23.40
C SER D 189 12.40 -16.54 23.70
N THR D 190 12.53 -15.22 23.54
CA THR D 190 11.44 -14.31 23.87
C THR D 190 10.34 -14.35 22.82
N SER D 191 10.64 -14.92 21.66
CA SER D 191 9.65 -15.03 20.57
C SER D 191 8.56 -16.03 20.93
N PHE D 192 8.88 -16.98 21.80
CA PHE D 192 7.93 -18.04 22.15
C PHE D 192 7.23 -17.69 23.46
N ALA D 193 5.95 -17.36 23.36
CA ALA D 193 5.24 -16.68 24.44
C ALA D 193 4.49 -17.60 25.41
N ASN D 194 4.31 -18.87 25.03
CA ASN D 194 3.52 -19.78 25.87
C ASN D 194 4.30 -21.02 26.31
N SER D 195 5.61 -20.87 26.45
CA SER D 195 6.45 -21.95 26.94
C SER D 195 6.39 -22.05 28.46
N SER D 199 1.38 -17.04 31.23
CA SER D 199 0.42 -16.75 30.16
C SER D 199 1.09 -15.91 29.07
N PHE D 200 0.69 -16.13 27.83
CA PHE D 200 1.34 -15.48 26.70
C PHE D 200 1.09 -13.98 26.69
N GLU D 201 -0.08 -13.56 27.15
N GLU D 201 -0.07 -13.55 27.15
CA GLU D 201 -0.42 -12.15 27.19
CA GLU D 201 -0.40 -12.12 27.16
C GLU D 201 0.52 -11.37 28.10
C GLU D 201 0.51 -11.35 28.11
N GLN D 202 0.86 -11.97 29.25
CA GLN D 202 1.78 -11.35 30.19
C GLN D 202 3.17 -11.28 29.57
N HIS D 203 3.57 -12.38 28.93
CA HIS D 203 4.86 -12.44 28.25
C HIS D 203 4.95 -11.38 27.16
N VAL D 204 3.92 -11.31 26.32
CA VAL D 204 3.90 -10.36 25.23
C VAL D 204 3.93 -8.92 25.76
N LEU D 205 3.13 -8.65 26.79
CA LEU D 205 3.05 -7.30 27.35
C LEU D 205 4.39 -6.85 27.94
N TRP D 206 5.13 -7.79 28.52
N TRP D 206 5.13 -7.79 28.51
CA TRP D 206 6.40 -7.46 29.14
CA TRP D 206 6.41 -7.46 29.12
C TRP D 206 7.47 -7.14 28.09
C TRP D 206 7.44 -7.11 28.07
N HIS D 207 7.40 -7.83 26.96
CA HIS D 207 8.41 -7.69 25.90
C HIS D 207 8.00 -6.69 24.82
N THR D 208 6.88 -5.99 25.02
CA THR D 208 6.45 -4.92 24.12
C THR D 208 6.38 -3.60 24.89
N GLY D 209 7.10 -3.55 26.00
CA GLY D 209 7.15 -2.34 26.80
C GLY D 209 5.80 -1.99 27.41
N GLY D 210 4.99 -3.00 27.67
CA GLY D 210 3.66 -2.80 28.23
C GLY D 210 2.67 -2.28 27.18
N LYS D 211 3.14 -2.16 25.93
CA LYS D 211 2.32 -1.58 24.87
C LYS D 211 1.42 -2.60 24.18
N GLY D 212 1.89 -3.85 24.06
CA GLY D 212 1.16 -4.89 23.38
C GLY D 212 1.57 -4.99 21.92
N VAL D 213 1.00 -5.95 21.20
CA VAL D 213 1.34 -6.15 19.79
C VAL D 213 0.38 -5.44 18.84
N ASP D 214 0.90 -5.11 17.66
CA ASP D 214 0.14 -4.38 16.66
C ASP D 214 -0.80 -5.29 15.88
N LEU D 215 -0.41 -6.56 15.72
CA LEU D 215 -1.23 -7.53 14.98
C LEU D 215 -1.29 -8.89 15.67
N VAL D 216 -2.46 -9.52 15.57
CA VAL D 216 -2.69 -10.85 16.09
C VAL D 216 -3.25 -11.72 14.96
N LEU D 217 -2.69 -12.92 14.81
CA LEU D 217 -3.15 -13.85 13.78
C LEU D 217 -3.75 -15.12 14.41
N ASN D 218 -5.00 -15.39 14.05
CA ASN D 218 -5.67 -16.65 14.39
C ASN D 218 -5.85 -16.92 15.89
N SER D 219 -6.45 -15.97 16.59
CA SER D 219 -6.76 -16.14 18.00
C SER D 219 -8.04 -16.95 18.22
N LEU D 220 -8.98 -16.87 17.28
CA LEU D 220 -10.26 -17.57 17.45
C LEU D 220 -10.08 -19.08 17.37
N ALA D 221 -9.32 -19.53 16.37
CA ALA D 221 -9.08 -20.96 16.17
C ALA D 221 -8.52 -21.61 17.44
N GLU D 222 -7.66 -20.88 18.15
CA GLU D 222 -7.04 -21.39 19.36
C GLU D 222 -7.84 -21.06 20.62
N GLU D 223 -8.90 -20.29 20.46
CA GLU D 223 -9.76 -19.88 21.57
C GLU D 223 -8.99 -18.96 22.52
N LYS D 224 -8.27 -18.01 21.95
CA LYS D 224 -7.42 -17.10 22.72
C LYS D 224 -7.72 -15.64 22.40
N LEU D 225 -8.96 -15.34 22.03
CA LEU D 225 -9.34 -14.00 21.63
C LEU D 225 -9.20 -13.00 22.77
N GLN D 226 -9.88 -13.28 23.88
CA GLN D 226 -9.90 -12.35 25.01
C GLN D 226 -8.50 -12.05 25.52
N ALA D 227 -7.68 -13.09 25.67
CA ALA D 227 -6.33 -12.91 26.15
C ALA D 227 -5.50 -12.11 25.14
N SER D 228 -5.78 -12.31 23.86
CA SER D 228 -5.04 -11.64 22.80
C SER D 228 -5.34 -10.14 22.78
N VAL D 229 -6.59 -9.78 23.07
CA VAL D 229 -6.97 -8.38 23.17
C VAL D 229 -6.18 -7.69 24.28
N ARG D 230 -5.96 -8.42 25.36
CA ARG D 230 -5.32 -7.85 26.55
C ARG D 230 -3.85 -7.49 26.28
N CYS D 231 -3.22 -8.18 25.33
CA CYS D 231 -1.85 -7.83 24.95
C CYS D 231 -1.80 -7.21 23.56
N LEU D 232 -2.94 -6.64 23.13
CA LEU D 232 -3.01 -5.94 21.86
C LEU D 232 -2.75 -4.45 22.08
N ALA D 233 -1.93 -3.86 21.21
CA ALA D 233 -1.70 -2.42 21.29
C ALA D 233 -2.95 -1.69 20.85
N THR D 234 -3.08 -0.44 21.29
CA THR D 234 -4.18 0.39 20.86
C THR D 234 -4.08 0.56 19.35
N HIS D 235 -5.22 0.50 18.68
CA HIS D 235 -5.32 0.56 17.22
C HIS D 235 -4.78 -0.72 16.58
N GLY D 236 -4.67 -1.78 17.37
CA GLY D 236 -4.20 -3.07 16.89
C GLY D 236 -5.16 -3.73 15.92
N ARG D 237 -4.65 -4.69 15.13
CA ARG D 237 -5.47 -5.37 14.13
C ARG D 237 -5.49 -6.88 14.35
N PHE D 238 -6.67 -7.47 14.32
CA PHE D 238 -6.84 -8.92 14.36
C PHE D 238 -6.99 -9.50 12.95
N LEU D 239 -6.23 -10.55 12.68
CA LEU D 239 -6.33 -11.30 11.43
C LEU D 239 -6.81 -12.70 11.74
N GLU D 240 -7.94 -13.10 11.15
N GLU D 240 -7.96 -13.09 11.17
CA GLU D 240 -8.54 -14.40 11.45
CA GLU D 240 -8.51 -14.41 11.42
C GLU D 240 -8.95 -15.14 10.17
C GLU D 240 -8.89 -15.11 10.13
N ILE D 241 -8.28 -16.26 9.91
CA ILE D 241 -8.59 -17.11 8.76
C ILE D 241 -9.84 -17.92 9.06
N GLY D 242 -10.79 -17.91 8.12
CA GLY D 242 -12.03 -18.64 8.27
C GLY D 242 -11.86 -20.13 8.50
N LYS D 243 -12.63 -20.66 9.45
CA LYS D 243 -12.69 -22.11 9.69
C LYS D 243 -14.14 -22.56 9.84
N LEU D 252 -17.46 -10.44 23.31
CA LEU D 252 -16.96 -9.14 22.88
C LEU D 252 -16.94 -8.14 24.03
N GLY D 253 -15.76 -7.95 24.62
CA GLY D 253 -15.57 -6.95 25.66
C GLY D 253 -15.48 -5.55 25.08
N MET D 254 -15.51 -4.56 25.96
CA MET D 254 -15.41 -3.16 25.53
C MET D 254 -14.00 -2.80 25.10
N ALA D 255 -13.03 -3.64 25.46
CA ALA D 255 -11.63 -3.40 25.08
C ALA D 255 -11.52 -3.32 23.57
N ILE D 256 -12.36 -4.08 22.88
CA ILE D 256 -12.42 -4.07 21.42
C ILE D 256 -12.63 -2.65 20.90
N PHE D 257 -13.45 -1.89 21.61
CA PHE D 257 -13.81 -0.55 21.20
C PHE D 257 -12.87 0.49 21.81
N LEU D 258 -12.54 0.31 23.08
CA LEU D 258 -11.65 1.25 23.77
C LEU D 258 -10.27 1.28 23.13
N LYS D 259 -9.82 0.12 22.64
CA LYS D 259 -8.54 0.04 21.96
C LYS D 259 -8.67 0.29 20.46
N ASN D 260 -9.88 0.58 20.00
CA ASN D 260 -10.13 0.83 18.58
C ASN D 260 -9.60 -0.30 17.71
N VAL D 261 -10.01 -1.52 18.04
CA VAL D 261 -9.50 -2.72 17.38
C VAL D 261 -10.17 -2.90 16.02
N THR D 262 -9.39 -3.39 15.05
CA THR D 262 -9.93 -3.73 13.74
C THR D 262 -9.75 -5.22 13.51
N PHE D 263 -10.83 -5.87 13.12
CA PHE D 263 -10.87 -7.32 12.92
C PHE D 263 -10.99 -7.62 11.43
N HIS D 264 -10.14 -8.51 10.94
CA HIS D 264 -10.13 -8.90 9.53
C HIS D 264 -10.44 -10.38 9.36
N GLY D 265 -11.62 -10.67 8.81
CA GLY D 265 -12.00 -12.02 8.44
C GLY D 265 -11.44 -12.32 7.07
N VAL D 266 -10.81 -13.50 6.93
CA VAL D 266 -10.01 -13.82 5.75
C VAL D 266 -10.31 -15.20 5.17
N LEU D 267 -10.60 -15.23 3.88
CA LEU D 267 -10.64 -16.45 3.08
C LEU D 267 -10.31 -16.11 1.63
N LEU D 268 -9.77 -17.05 0.88
CA LEU D 268 -9.32 -16.77 -0.50
C LEU D 268 -10.41 -16.98 -1.55
N ASP D 269 -11.52 -17.61 -1.16
CA ASP D 269 -12.56 -18.03 -2.11
C ASP D 269 -13.02 -16.93 -3.06
N ALA D 270 -13.20 -15.72 -2.54
CA ALA D 270 -13.70 -14.60 -3.35
C ALA D 270 -12.82 -14.36 -4.56
N PHE D 271 -11.54 -14.67 -4.45
CA PHE D 271 -10.60 -14.39 -5.54
C PHE D 271 -10.84 -15.31 -6.74
N PHE D 272 -11.47 -16.46 -6.51
CA PHE D 272 -11.83 -17.33 -7.61
C PHE D 272 -13.12 -16.85 -8.28
N ASN D 273 -13.78 -15.87 -7.66
CA ASN D 273 -15.10 -15.44 -8.09
C ASN D 273 -15.20 -13.91 -8.28
N GLU D 274 -15.96 -13.24 -7.43
CA GLU D 274 -16.22 -11.81 -7.63
C GLU D 274 -15.00 -10.90 -7.52
N SER D 275 -13.94 -11.37 -6.85
CA SER D 275 -12.74 -10.54 -6.68
C SER D 275 -11.55 -11.10 -7.47
N SER D 276 -11.83 -11.63 -8.66
CA SER D 276 -10.78 -12.23 -9.49
C SER D 276 -9.80 -11.19 -10.02
N ALA D 277 -10.29 -9.99 -10.27
CA ALA D 277 -9.43 -8.91 -10.76
C ALA D 277 -8.41 -8.49 -9.71
N ASP D 278 -8.74 -8.74 -8.44
CA ASP D 278 -7.89 -8.39 -7.31
C ASP D 278 -6.87 -9.47 -6.94
N TRP D 279 -7.05 -10.68 -7.47
CA TRP D 279 -6.21 -11.82 -7.11
C TRP D 279 -4.73 -11.68 -7.42
N ARG D 280 -4.40 -11.07 -8.56
CA ARG D 280 -3.02 -11.00 -9.02
C ARG D 280 -2.11 -10.36 -7.97
N GLU D 281 -2.66 -9.41 -7.21
CA GLU D 281 -1.89 -8.74 -6.16
C GLU D 281 -1.33 -9.77 -5.18
N VAL D 282 -2.17 -10.71 -4.77
CA VAL D 282 -1.74 -11.76 -3.85
C VAL D 282 -0.81 -12.72 -4.58
N TRP D 283 -1.16 -13.06 -5.82
CA TRP D 283 -0.33 -13.93 -6.64
C TRP D 283 1.09 -13.37 -6.79
N ALA D 284 1.18 -12.08 -7.04
CA ALA D 284 2.46 -11.42 -7.26
C ALA D 284 3.27 -11.39 -5.97
N LEU D 285 2.58 -11.26 -4.84
CA LEU D 285 3.25 -11.27 -3.54
C LEU D 285 3.91 -12.62 -3.31
N VAL D 286 3.19 -13.69 -3.62
CA VAL D 286 3.72 -15.04 -3.46
C VAL D 286 4.89 -15.26 -4.41
N GLN D 287 4.72 -14.87 -5.67
CA GLN D 287 5.78 -15.02 -6.65
C GLN D 287 7.04 -14.24 -6.25
N ALA D 288 6.85 -13.02 -5.76
CA ALA D 288 7.98 -12.20 -5.31
C ALA D 288 8.66 -12.84 -4.11
N GLY D 289 7.86 -13.42 -3.21
CA GLY D 289 8.38 -14.08 -2.04
C GLY D 289 9.22 -15.30 -2.40
N ILE D 290 8.81 -15.99 -3.46
CA ILE D 290 9.56 -17.12 -3.97
C ILE D 290 10.89 -16.63 -4.53
N ARG D 291 10.83 -15.56 -5.32
CA ARG D 291 12.02 -14.97 -5.93
C ARG D 291 13.02 -14.48 -4.89
N ASP D 292 12.52 -13.84 -3.85
CA ASP D 292 13.37 -13.24 -2.82
C ASP D 292 13.84 -14.26 -1.78
N GLY D 293 13.38 -15.50 -1.92
CA GLY D 293 13.77 -16.57 -1.01
C GLY D 293 13.03 -16.57 0.32
N VAL D 294 12.00 -15.73 0.42
CA VAL D 294 11.16 -15.69 1.62
C VAL D 294 10.27 -16.93 1.72
N VAL D 295 9.66 -17.29 0.60
CA VAL D 295 8.76 -18.44 0.55
C VAL D 295 9.53 -19.75 0.54
N ARG D 296 9.37 -20.53 1.60
CA ARG D 296 10.03 -21.82 1.72
C ARG D 296 9.00 -22.93 1.82
N PRO D 297 9.19 -24.02 1.07
CA PRO D 297 8.25 -25.15 1.18
C PRO D 297 8.19 -25.70 2.60
N LEU D 298 7.01 -26.17 3.02
CA LEU D 298 6.88 -26.79 4.33
C LEU D 298 7.37 -28.22 4.28
N LYS D 299 7.53 -28.83 5.45
N LYS D 299 7.53 -28.83 5.45
CA LYS D 299 7.79 -30.26 5.53
CA LYS D 299 7.79 -30.26 5.53
C LYS D 299 6.53 -31.03 5.15
C LYS D 299 6.53 -31.02 5.10
N CYS D 300 6.72 -32.16 4.47
CA CYS D 300 5.59 -32.93 3.93
C CYS D 300 5.51 -34.36 4.44
N THR D 301 4.30 -34.75 4.83
CA THR D 301 3.97 -36.14 5.15
C THR D 301 3.09 -36.70 4.05
N VAL D 302 3.57 -37.74 3.38
CA VAL D 302 2.94 -38.22 2.15
C VAL D 302 2.17 -39.52 2.30
N PHE D 303 0.97 -39.55 1.71
CA PHE D 303 0.15 -40.75 1.63
C PHE D 303 -0.11 -41.02 0.15
N HIS D 304 -0.07 -42.29 -0.26
CA HIS D 304 -0.44 -42.61 -1.63
C HIS D 304 -1.94 -42.43 -1.83
N GLY D 305 -2.34 -42.11 -3.05
CA GLY D 305 -3.73 -41.89 -3.39
C GLY D 305 -4.65 -43.01 -2.91
N ALA D 306 -4.14 -44.24 -2.87
CA ALA D 306 -4.92 -45.37 -2.43
C ALA D 306 -5.20 -45.29 -0.93
N GLN D 307 -4.34 -44.57 -0.21
CA GLN D 307 -4.52 -44.35 1.22
C GLN D 307 -5.08 -42.96 1.50
N VAL D 308 -5.90 -42.45 0.59
CA VAL D 308 -6.47 -41.11 0.74
C VAL D 308 -7.33 -41.07 2.01
N GLU D 309 -7.98 -42.19 2.31
CA GLU D 309 -8.76 -42.32 3.53
C GLU D 309 -7.88 -42.12 4.76
N ASP D 310 -6.74 -42.81 4.77
CA ASP D 310 -5.78 -42.67 5.86
C ASP D 310 -5.30 -41.24 6.02
N ALA D 311 -5.03 -40.58 4.89
CA ALA D 311 -4.53 -39.20 4.87
C ALA D 311 -5.51 -38.25 5.55
N PHE D 312 -6.79 -38.38 5.23
CA PHE D 312 -7.83 -37.56 5.83
C PHE D 312 -7.90 -37.82 7.34
N ARG D 313 -7.84 -39.10 7.71
CA ARG D 313 -7.95 -39.49 9.10
C ARG D 313 -6.75 -38.96 9.89
N TYR D 314 -5.59 -38.96 9.25
CA TYR D 314 -4.35 -38.51 9.87
C TYR D 314 -4.28 -37.00 10.06
N MET D 315 -4.55 -36.26 9.01
CA MET D 315 -4.56 -34.80 9.07
C MET D 315 -5.54 -34.33 10.14
N ALA D 316 -6.68 -35.02 10.23
CA ALA D 316 -7.74 -34.65 11.17
C ALA D 316 -7.24 -34.69 12.61
N GLN D 317 -6.25 -35.53 12.88
CA GLN D 317 -5.67 -35.62 14.22
C GLN D 317 -4.84 -34.39 14.53
N HIS D 320 0.52 -33.37 13.22
CA HIS D 320 1.58 -33.31 12.24
C HIS D 320 2.20 -31.91 12.17
N ILE D 321 3.41 -31.83 11.62
CA ILE D 321 4.08 -30.57 11.36
C ILE D 321 4.26 -30.38 9.86
N GLY D 322 3.76 -29.26 9.35
CA GLY D 322 3.87 -28.97 7.94
C GLY D 322 2.61 -29.34 7.18
N LYS D 323 2.80 -30.01 6.04
CA LYS D 323 1.69 -30.32 5.14
C LYS D 323 1.48 -31.83 4.99
N VAL D 324 0.22 -32.22 4.86
CA VAL D 324 -0.12 -33.58 4.48
C VAL D 324 -0.42 -33.58 2.98
N VAL D 325 0.24 -34.46 2.24
CA VAL D 325 0.19 -34.44 0.79
C VAL D 325 -0.16 -35.82 0.25
N VAL D 326 -1.06 -35.86 -0.73
CA VAL D 326 -1.44 -37.11 -1.36
C VAL D 326 -0.71 -37.24 -2.69
N GLN D 327 0.06 -38.32 -2.84
CA GLN D 327 0.79 -38.56 -4.08
C GLN D 327 -0.07 -39.30 -5.09
N VAL D 328 -0.47 -38.59 -6.14
CA VAL D 328 -1.23 -39.17 -7.23
C VAL D 328 -0.29 -39.77 -8.26
N LEU D 329 0.86 -39.11 -8.43
CA LEU D 329 1.85 -39.55 -9.41
C LEU D 329 3.25 -39.12 -8.98
N ALA D 330 4.18 -40.07 -8.96
CA ALA D 330 5.55 -39.81 -8.56
C ALA D 330 6.26 -38.92 -9.58
N GLU D 331 7.04 -37.97 -9.08
CA GLU D 331 7.86 -37.12 -9.97
C GLU D 331 8.90 -38.01 -10.66
N GLU D 332 9.16 -37.70 -11.92
CA GLU D 332 10.07 -38.53 -12.73
C GLU D 332 11.52 -38.36 -12.30
N PRO D 333 12.33 -39.43 -12.44
CA PRO D 333 13.77 -39.31 -12.12
C PRO D 333 14.49 -38.31 -13.02
#